data_1AIV
#
_entry.id   1AIV
#
_cell.length_a   92.260
_cell.length_b   92.260
_cell.length_c   178.190
_cell.angle_alpha   90.00
_cell.angle_beta   90.00
_cell.angle_gamma   90.00
#
_symmetry.space_group_name_H-M   'P 43 21 2'
#
loop_
_entity.id
_entity.type
_entity.pdbx_description
1 polymer OVOTRANSFERRIN
2 branched 2-acetamido-2-deoxy-alpha-D-glucopyranose-(1-4)-2-acetamido-2-deoxy-beta-D-glucopyranose
#
_entity_poly.entity_id   1
_entity_poly.type   'polypeptide(L)'
_entity_poly.pdbx_seq_one_letter_code
;APPKSVIRWCTISSPEEKKCNNLRDLTQQERISLTCVQKATYLDCIKAIANNEADAISLDGGQAFEAGLAPYKLKPIAAE
VYEHTEGSTTSYYAVAVVKKGTEFTVNDLQGKTSCHTGLGRSAGWNIPIGTLLHRGAIEWEGIESGSVEQAVAKFFSASC
VPGATIEQKLCRQCKGDPKTKCARNAPYSGYSGAFHCLKDGKGDVAFVKHTTVNENAPDQKDEYELLCLDGSRQPVDNYK
TCNWARVAAHAVVARDDNKVEDIWSFLSKAQSDFGVDTKSDFHLFGPPGKKDPVLKDLLFKDSAIMLKRVPSLMDSQLYL
GFEYYSAIQSMRKDQLTPSPRENRIQWCAVGKDEKSKCDRWSVVSNGDVECTVVDETKDCIIKIMKGEADAVALDGGLVY
TAGVCGLVPVMAERYDDESQCSKTDERPASYFAVAVARKDSNVNWNNLKGKKSCHTAVGRTAGWVIPMGLIHNRTGTCNF
DEYFSEGCAPGSPPNSRLCQLCQGSGGIPPEKCVASSHEKYFGYTGALRCLVEKGDVAFIQHSTVEENTGGKNKADWAKN
LQMDDFELLCTDGRRANVMDYRECNLAEVPTHAVVVRPEKANKIRDLLERQEKRFGVNGSEKSKFMMFESQNKDLLFKDL
TKCLFKVREGTTYKEFLGDKFYTVISSLKTCNPSDILQMCSFLEGK
;
_entity_poly.pdbx_strand_id   A
#
loop_
_chem_comp.id
_chem_comp.type
_chem_comp.name
_chem_comp.formula
NAG D-saccharide, beta linking 2-acetamido-2-deoxy-beta-D-glucopyranose 'C8 H15 N O6'
NDG D-saccharide, alpha linking 2-acetamido-2-deoxy-alpha-D-glucopyranose 'C8 H15 N O6'
#
# COMPACT_ATOMS: atom_id res chain seq x y z
N ALA A 1 0.54 20.71 -31.36
CA ALA A 1 2.00 21.06 -31.43
C ALA A 1 2.77 20.33 -30.29
N PRO A 2 3.58 19.32 -30.64
CA PRO A 2 4.43 18.45 -29.80
C PRO A 2 5.26 19.06 -28.63
N PRO A 3 5.86 18.18 -27.80
CA PRO A 3 6.69 18.54 -26.63
C PRO A 3 7.87 19.49 -26.86
N LYS A 4 7.88 20.56 -26.07
CA LYS A 4 8.89 21.61 -26.09
C LYS A 4 8.33 22.75 -25.22
N SER A 5 8.85 22.86 -23.99
CA SER A 5 8.37 23.88 -23.07
C SER A 5 9.51 24.60 -22.34
N VAL A 6 9.15 25.28 -21.26
CA VAL A 6 10.07 26.04 -20.41
C VAL A 6 9.64 25.74 -18.96
N ILE A 7 10.60 25.37 -18.11
CA ILE A 7 10.30 25.03 -16.72
C ILE A 7 10.76 26.08 -15.72
N ARG A 8 9.79 26.84 -15.21
CA ARG A 8 10.02 27.92 -14.23
C ARG A 8 10.15 27.41 -12.78
N TRP A 9 11.39 27.29 -12.32
CA TRP A 9 11.72 26.80 -10.99
C TRP A 9 11.50 27.87 -9.93
N CYS A 10 11.05 27.44 -8.75
CA CYS A 10 10.75 28.33 -7.61
C CYS A 10 11.89 28.39 -6.60
N THR A 11 12.20 29.60 -6.12
CA THR A 11 13.28 29.74 -5.16
C THR A 11 12.88 30.34 -3.81
N ILE A 12 13.87 30.51 -2.94
CA ILE A 12 13.64 31.07 -1.61
C ILE A 12 14.50 32.32 -1.34
N SER A 13 15.79 32.23 -1.62
CA SER A 13 16.69 33.35 -1.38
C SER A 13 17.39 33.81 -2.64
N SER A 14 18.13 34.90 -2.51
CA SER A 14 18.88 35.49 -3.62
C SER A 14 20.08 34.60 -4.00
N PRO A 15 20.90 34.19 -3.02
CA PRO A 15 22.05 33.33 -3.30
C PRO A 15 21.66 32.03 -3.97
N GLU A 16 20.46 31.52 -3.65
CA GLU A 16 19.97 30.30 -4.31
C GLU A 16 19.38 30.71 -5.66
N GLU A 17 18.92 31.94 -5.76
CA GLU A 17 18.34 32.46 -6.99
C GLU A 17 19.44 32.65 -8.02
N LYS A 18 20.58 33.13 -7.56
CA LYS A 18 21.72 33.39 -8.43
C LYS A 18 22.21 32.11 -9.08
N LYS A 19 22.23 31.01 -8.33
CA LYS A 19 22.69 29.72 -8.85
C LYS A 19 21.69 29.19 -9.86
N CYS A 20 20.47 29.69 -9.77
CA CYS A 20 19.40 29.31 -10.67
C CYS A 20 19.73 29.84 -12.04
N ASN A 21 19.90 31.17 -12.15
CA ASN A 21 20.20 31.79 -13.44
C ASN A 21 21.44 31.16 -14.03
N ASN A 22 22.39 30.77 -13.18
CA ASN A 22 23.64 30.16 -13.64
C ASN A 22 23.48 28.83 -14.38
N LEU A 23 22.24 28.39 -14.59
CA LEU A 23 22.00 27.17 -15.36
C LEU A 23 21.33 27.59 -16.68
N ARG A 24 20.59 28.70 -16.59
CA ARG A 24 19.88 29.33 -17.70
C ARG A 24 20.48 28.99 -19.05
N ASP A 25 21.70 29.47 -19.23
CA ASP A 25 22.53 29.32 -20.41
C ASP A 25 22.39 27.95 -21.06
N LEU A 26 22.43 26.92 -20.23
CA LEU A 26 22.33 25.55 -20.67
C LEU A 26 20.90 25.14 -20.97
N THR A 27 19.98 25.51 -20.08
CA THR A 27 18.57 25.21 -20.28
C THR A 27 18.29 25.68 -21.70
N GLN A 28 18.94 26.79 -22.06
CA GLN A 28 18.82 27.44 -23.36
C GLN A 28 19.40 26.66 -24.51
N GLN A 29 20.67 26.33 -24.40
CA GLN A 29 21.33 25.56 -25.44
C GLN A 29 20.64 24.20 -25.55
N GLU A 30 19.79 23.90 -24.56
CA GLU A 30 19.04 22.65 -24.52
C GLU A 30 17.55 22.84 -24.85
N ARG A 31 16.92 21.73 -25.23
CA ARG A 31 15.50 21.66 -25.60
C ARG A 31 14.53 22.29 -24.59
N ILE A 32 14.42 21.71 -23.41
CA ILE A 32 13.51 22.26 -22.39
C ILE A 32 14.24 23.46 -21.79
N SER A 33 13.50 24.52 -21.47
CA SER A 33 14.12 25.72 -20.88
C SER A 33 13.74 26.00 -19.44
N LEU A 34 14.02 27.20 -18.97
CA LEU A 34 13.71 27.57 -17.59
C LEU A 34 13.29 29.06 -17.51
N THR A 35 13.11 29.54 -16.28
CA THR A 35 12.72 30.91 -15.95
C THR A 35 12.68 30.95 -14.42
N CYS A 36 13.79 31.33 -13.80
CA CYS A 36 13.84 31.34 -12.35
C CYS A 36 13.21 32.53 -11.66
N VAL A 37 12.56 32.24 -10.54
CA VAL A 37 11.86 33.25 -9.76
C VAL A 37 12.50 33.40 -8.38
N GLN A 38 11.73 33.88 -7.40
CA GLN A 38 12.19 34.07 -6.04
C GLN A 38 11.00 34.48 -5.19
N LYS A 39 10.84 33.78 -4.07
CA LYS A 39 9.75 34.04 -3.13
C LYS A 39 10.37 34.04 -1.74
N ALA A 40 10.02 35.06 -0.96
CA ALA A 40 10.52 35.25 0.41
C ALA A 40 10.31 34.05 1.33
N THR A 41 9.29 33.25 1.05
CA THR A 41 8.98 32.06 1.85
C THR A 41 8.71 30.91 0.88
N TYR A 42 8.48 29.71 1.40
CA TYR A 42 8.18 28.59 0.52
C TYR A 42 6.68 28.45 0.37
N LEU A 43 5.92 28.99 1.33
CA LEU A 43 4.45 28.97 1.31
C LEU A 43 4.00 29.85 0.14
N ASP A 44 4.71 30.96 -0.05
CA ASP A 44 4.44 31.87 -1.14
C ASP A 44 4.80 31.10 -2.41
N CYS A 45 6.00 30.52 -2.43
CA CYS A 45 6.46 29.75 -3.58
C CYS A 45 5.49 28.60 -3.91
N ILE A 46 4.78 28.13 -2.90
CA ILE A 46 3.83 27.05 -3.06
C ILE A 46 2.48 27.53 -3.61
N LYS A 47 2.02 28.66 -3.09
CA LYS A 47 0.75 29.26 -3.54
C LYS A 47 0.97 29.80 -4.94
N ALA A 48 2.23 30.14 -5.24
CA ALA A 48 2.65 30.67 -6.52
C ALA A 48 2.51 29.59 -7.58
N ILE A 49 3.38 28.58 -7.49
CA ILE A 49 3.36 27.46 -8.43
C ILE A 49 1.94 26.91 -8.54
N ALA A 50 1.25 26.83 -7.40
CA ALA A 50 -0.11 26.31 -7.32
C ALA A 50 -1.00 26.97 -8.32
N ASN A 51 -1.12 28.29 -8.22
CA ASN A 51 -1.96 29.05 -9.13
C ASN A 51 -1.32 29.21 -10.50
N ASN A 52 -0.70 28.13 -10.99
CA ASN A 52 -0.01 28.10 -12.30
C ASN A 52 0.97 29.26 -12.46
N GLU A 53 1.16 30.02 -11.39
CA GLU A 53 2.06 31.17 -11.40
C GLU A 53 3.48 30.69 -11.57
N ALA A 54 3.68 29.39 -11.36
CA ALA A 54 4.99 28.76 -11.52
C ALA A 54 4.88 27.25 -11.75
N ASP A 55 6.00 26.63 -12.14
CA ASP A 55 6.03 25.20 -12.41
C ASP A 55 6.20 24.30 -11.18
N ALA A 56 7.41 24.27 -10.60
CA ALA A 56 7.70 23.44 -9.43
C ALA A 56 8.85 23.91 -8.50
N ILE A 57 9.03 23.20 -7.39
CA ILE A 57 10.06 23.47 -6.37
C ILE A 57 10.30 22.23 -5.50
N SER A 58 11.57 21.91 -5.28
CA SER A 58 11.96 20.76 -4.48
C SER A 58 11.74 21.07 -3.00
N LEU A 59 11.06 20.17 -2.28
CA LEU A 59 10.78 20.36 -0.87
C LEU A 59 11.11 19.20 0.04
N ASP A 60 10.95 19.43 1.34
CA ASP A 60 11.20 18.43 2.38
C ASP A 60 9.86 17.82 2.81
N GLY A 61 9.92 16.75 3.61
CA GLY A 61 8.72 16.09 4.08
C GLY A 61 7.90 16.96 5.00
N GLY A 62 8.56 17.81 5.78
CA GLY A 62 7.81 18.68 6.67
C GLY A 62 6.99 19.68 5.88
N GLN A 63 7.45 19.99 4.67
CA GLN A 63 6.79 20.94 3.78
C GLN A 63 5.93 20.21 2.76
N ALA A 64 6.47 19.13 2.21
CA ALA A 64 5.79 18.30 1.21
C ALA A 64 4.39 17.98 1.66
N PHE A 65 4.12 18.14 2.95
CA PHE A 65 2.81 17.90 3.52
C PHE A 65 2.01 19.09 3.12
N GLU A 66 2.46 20.22 3.64
CA GLU A 66 1.85 21.52 3.39
C GLU A 66 1.64 21.72 1.89
N ALA A 67 2.64 21.33 1.10
CA ALA A 67 2.57 21.45 -0.35
C ALA A 67 1.47 20.58 -0.91
N GLY A 68 1.24 19.43 -0.28
CA GLY A 68 0.20 18.55 -0.76
C GLY A 68 -1.19 18.89 -0.25
N LEU A 69 -1.24 19.83 0.70
CA LEU A 69 -2.51 20.25 1.30
C LEU A 69 -3.26 21.24 0.45
N ALA A 70 -4.58 21.25 0.60
CA ALA A 70 -5.47 22.12 -0.15
C ALA A 70 -5.42 23.60 0.24
N PRO A 71 -5.82 24.48 -0.70
CA PRO A 71 -6.29 24.14 -2.05
C PRO A 71 -5.16 23.75 -3.01
N TYR A 72 -3.95 23.74 -2.50
CA TYR A 72 -2.76 23.44 -3.29
C TYR A 72 -2.66 22.04 -3.84
N LYS A 73 -2.92 21.03 -3.01
CA LYS A 73 -2.85 19.64 -3.44
C LYS A 73 -1.80 19.41 -4.51
N LEU A 74 -0.55 19.70 -4.19
CA LEU A 74 0.54 19.55 -5.15
C LEU A 74 1.18 18.17 -5.12
N LYS A 75 1.49 17.66 -6.30
CA LYS A 75 2.07 16.34 -6.43
C LYS A 75 3.60 16.26 -6.39
N PRO A 76 4.14 15.16 -5.82
CA PRO A 76 5.56 14.81 -5.66
C PRO A 76 6.01 14.12 -6.94
N ILE A 77 6.82 14.82 -7.71
CA ILE A 77 7.25 14.29 -8.98
C ILE A 77 8.50 13.46 -8.96
N ALA A 78 9.42 13.76 -8.06
CA ALA A 78 10.66 13.00 -7.96
C ALA A 78 11.41 13.30 -6.69
N ALA A 79 11.87 12.24 -6.03
CA ALA A 79 12.62 12.36 -4.79
C ALA A 79 14.09 12.50 -5.09
N GLU A 80 14.87 12.48 -4.02
CA GLU A 80 16.32 12.57 -4.09
C GLU A 80 16.86 11.29 -3.46
N VAL A 81 18.09 10.90 -3.78
CA VAL A 81 18.65 9.68 -3.21
C VAL A 81 20.06 9.85 -2.61
N TYR A 82 20.46 8.95 -1.70
CA TYR A 82 21.76 9.07 -1.02
C TYR A 82 22.70 7.84 -0.94
N GLU A 83 23.89 8.05 -0.34
CA GLU A 83 24.90 6.98 -0.16
C GLU A 83 25.09 6.43 1.29
N HIS A 84 24.49 5.27 1.56
CA HIS A 84 24.64 4.64 2.87
C HIS A 84 25.12 3.22 2.72
N THR A 85 24.20 2.26 2.72
CA THR A 85 24.61 0.85 2.56
C THR A 85 23.37 0.02 2.20
N GLU A 86 22.41 0.00 3.15
CA GLU A 86 21.14 -0.73 3.07
C GLU A 86 20.60 -1.00 1.66
N GLY A 87 20.57 0.04 0.83
CA GLY A 87 20.10 -0.05 -0.53
C GLY A 87 20.36 1.28 -1.22
N SER A 88 19.43 1.72 -2.06
CA SER A 88 19.55 3.00 -2.74
C SER A 88 18.70 4.02 -1.98
N THR A 89 19.25 4.50 -0.86
CA THR A 89 18.59 5.46 0.04
C THR A 89 17.69 6.57 -0.53
N THR A 90 16.47 6.64 0.00
CA THR A 90 15.48 7.63 -0.42
C THR A 90 14.68 8.17 0.78
N SER A 91 15.15 7.89 2.01
CA SER A 91 14.48 8.34 3.23
C SER A 91 15.48 8.41 4.39
N TYR A 92 14.95 8.59 5.60
CA TYR A 92 15.73 8.67 6.84
C TYR A 92 14.85 8.25 8.03
N TYR A 93 14.84 6.96 8.35
CA TYR A 93 14.03 6.38 9.41
C TYR A 93 13.95 7.03 10.82
N ALA A 94 12.73 7.26 11.28
CA ALA A 94 12.42 7.87 12.58
C ALA A 94 12.13 6.79 13.63
N VAL A 95 13.10 6.61 14.53
CA VAL A 95 13.04 5.60 15.57
C VAL A 95 12.79 6.11 17.01
N ALA A 96 13.24 5.31 17.98
CA ALA A 96 13.16 5.54 19.41
C ALA A 96 14.03 4.49 20.10
N VAL A 97 14.83 4.89 21.10
CA VAL A 97 15.70 3.94 21.81
C VAL A 97 15.83 4.23 23.30
N VAL A 98 15.72 3.16 24.09
CA VAL A 98 15.84 3.21 25.55
C VAL A 98 16.79 2.11 26.02
N LYS A 99 17.08 2.15 27.32
CA LYS A 99 17.94 1.17 27.96
C LYS A 99 17.21 -0.16 28.09
N LYS A 100 18.01 -1.22 28.08
CA LYS A 100 17.54 -2.59 28.21
C LYS A 100 16.80 -2.81 29.54
N GLY A 101 15.94 -3.82 29.56
CA GLY A 101 15.20 -4.19 30.77
C GLY A 101 13.99 -3.37 31.09
N THR A 102 13.27 -2.97 30.05
CA THR A 102 12.10 -2.16 30.26
C THR A 102 10.76 -2.88 30.43
N GLU A 103 10.15 -2.59 31.58
CA GLU A 103 8.85 -3.10 32.01
C GLU A 103 7.61 -2.32 31.50
N PHE A 104 7.56 -2.01 30.20
CA PHE A 104 6.43 -1.31 29.59
C PHE A 104 6.67 -1.35 28.09
N THR A 105 5.72 -0.86 27.32
CA THR A 105 5.84 -0.80 25.89
C THR A 105 5.54 0.62 25.50
N VAL A 106 4.30 1.03 25.76
CA VAL A 106 3.87 2.40 25.46
C VAL A 106 2.45 2.62 26.00
N ASN A 107 1.66 1.54 26.06
CA ASN A 107 0.25 1.67 26.51
C ASN A 107 0.05 2.14 27.96
N ASP A 108 1.16 2.26 28.69
CA ASP A 108 1.14 2.65 30.09
C ASP A 108 2.13 3.82 30.43
N LEU A 109 2.71 4.41 29.38
CA LEU A 109 3.69 5.50 29.44
C LEU A 109 3.17 6.89 29.85
N GLN A 110 1.95 6.96 30.40
CA GLN A 110 1.36 8.24 30.81
C GLN A 110 1.89 8.81 32.16
N GLY A 111 3.21 8.77 32.34
CA GLY A 111 3.81 9.28 33.57
C GLY A 111 5.33 9.39 33.60
N LYS A 112 6.03 8.41 33.01
CA LYS A 112 7.50 8.40 32.95
C LYS A 112 8.05 9.71 32.38
N THR A 113 9.35 9.94 32.53
CA THR A 113 9.95 11.15 31.99
C THR A 113 10.32 10.91 30.53
N SER A 114 10.84 11.94 29.86
CA SER A 114 11.24 11.85 28.46
C SER A 114 12.52 12.65 28.18
N CYS A 115 12.68 13.09 26.94
CA CYS A 115 13.84 13.88 26.53
C CYS A 115 13.88 14.03 25.02
N HIS A 116 13.83 15.27 24.56
CA HIS A 116 13.87 15.55 23.13
C HIS A 116 15.10 16.33 22.74
N THR A 117 15.14 16.76 21.49
CA THR A 117 16.25 17.55 20.96
C THR A 117 15.79 18.99 20.85
N GLY A 118 14.51 19.16 20.56
CA GLY A 118 13.93 20.47 20.42
C GLY A 118 12.46 20.34 20.09
N LEU A 119 11.76 21.47 20.01
CA LEU A 119 10.35 21.39 19.69
C LEU A 119 10.16 21.32 18.17
N GLY A 120 8.91 21.13 17.75
CA GLY A 120 8.56 21.07 16.35
C GLY A 120 9.55 20.44 15.36
N ARG A 121 10.47 19.59 15.83
CA ARG A 121 11.38 18.92 14.90
C ARG A 121 10.89 17.49 14.88
N SER A 122 11.02 16.88 13.70
CA SER A 122 10.59 15.52 13.46
C SER A 122 10.69 14.53 14.62
N ALA A 123 11.60 13.59 14.43
CA ALA A 123 11.87 12.51 15.35
C ALA A 123 11.63 12.88 16.80
N GLY A 124 11.99 14.11 17.13
CA GLY A 124 11.85 14.58 18.50
C GLY A 124 10.45 14.92 18.93
N TRP A 125 9.92 15.99 18.35
CA TRP A 125 8.59 16.42 18.68
C TRP A 125 7.74 15.71 17.68
N ASN A 126 7.06 16.50 16.86
CA ASN A 126 6.17 16.05 15.82
C ASN A 126 5.82 14.57 15.84
N ILE A 127 6.73 13.74 15.35
CA ILE A 127 6.54 12.31 15.24
C ILE A 127 6.02 11.53 16.46
N PRO A 128 6.87 11.21 17.43
CA PRO A 128 6.34 10.47 18.58
C PRO A 128 5.17 11.22 19.18
N ILE A 129 5.25 12.53 19.10
CA ILE A 129 4.21 13.38 19.64
C ILE A 129 2.88 13.15 18.92
N GLY A 130 2.96 13.03 17.60
CA GLY A 130 1.76 12.83 16.80
C GLY A 130 1.28 11.41 16.85
N THR A 131 2.24 10.49 16.87
CA THR A 131 1.92 9.07 16.92
C THR A 131 1.13 8.79 18.19
N LEU A 132 1.58 9.39 19.30
CA LEU A 132 0.93 9.22 20.59
C LEU A 132 -0.46 9.87 20.61
N LEU A 133 -0.61 10.97 19.88
CA LEU A 133 -1.88 11.68 19.83
C LEU A 133 -2.90 10.84 19.08
N HIS A 134 -2.46 10.23 17.99
CA HIS A 134 -3.36 9.39 17.22
C HIS A 134 -3.60 8.02 17.80
N ARG A 135 -2.73 7.63 18.74
CA ARG A 135 -2.89 6.34 19.41
C ARG A 135 -3.60 6.60 20.75
N GLY A 136 -4.37 7.68 20.77
CA GLY A 136 -5.14 8.09 21.93
C GLY A 136 -4.42 8.27 23.26
N ALA A 137 -3.15 7.83 23.34
CA ALA A 137 -2.33 7.91 24.55
C ALA A 137 -2.63 9.16 25.38
N ILE A 138 -2.53 10.30 24.70
CA ILE A 138 -2.76 11.60 25.32
C ILE A 138 -4.17 12.05 25.01
N GLU A 139 -5.07 11.98 26.00
CA GLU A 139 -6.43 12.42 25.79
C GLU A 139 -6.35 13.89 25.37
N TRP A 140 -6.54 14.10 24.06
CA TRP A 140 -6.48 15.43 23.45
C TRP A 140 -7.37 15.51 22.22
N GLU A 141 -8.06 16.64 22.14
CA GLU A 141 -8.99 16.93 21.06
C GLU A 141 -8.72 18.32 20.43
N GLY A 142 -8.16 19.22 21.24
CA GLY A 142 -7.87 20.57 20.78
C GLY A 142 -7.12 21.30 21.89
N ILE A 143 -6.19 22.18 21.50
CA ILE A 143 -5.34 22.96 22.43
C ILE A 143 -6.06 23.56 23.63
N GLU A 144 -7.36 23.75 23.52
CA GLU A 144 -8.16 24.34 24.61
C GLU A 144 -8.71 23.34 25.62
N SER A 145 -7.80 22.48 26.10
CA SER A 145 -8.02 21.43 27.09
C SER A 145 -6.69 20.74 27.25
N GLY A 146 -5.74 21.13 26.40
CA GLY A 146 -4.42 20.53 26.43
C GLY A 146 -3.57 20.81 25.19
N SER A 147 -3.09 22.04 25.03
CA SER A 147 -2.24 22.43 23.89
C SER A 147 -1.10 21.44 23.67
N VAL A 148 -0.48 21.49 22.49
CA VAL A 148 0.63 20.59 22.19
C VAL A 148 1.65 20.72 23.31
N GLU A 149 1.59 21.86 24.00
CA GLU A 149 2.44 22.18 25.13
C GLU A 149 1.70 21.77 26.39
N GLN A 150 0.44 22.19 26.50
CA GLN A 150 -0.40 21.88 27.65
C GLN A 150 -0.54 20.40 27.84
N ALA A 151 -1.10 19.72 26.84
CA ALA A 151 -1.32 18.28 26.86
C ALA A 151 -0.13 17.51 27.44
N VAL A 152 1.08 17.98 27.14
CA VAL A 152 2.30 17.36 27.63
C VAL A 152 2.24 17.15 29.14
N ALA A 153 1.89 18.21 29.87
CA ALA A 153 1.77 18.13 31.34
C ALA A 153 0.84 16.99 31.77
N LYS A 154 -0.35 16.93 31.17
CA LYS A 154 -1.35 15.89 31.46
C LYS A 154 -1.07 14.63 30.62
N PHE A 155 0.19 14.28 30.53
CA PHE A 155 0.63 13.12 29.81
C PHE A 155 1.96 12.78 30.43
N PHE A 156 2.83 13.79 30.47
CA PHE A 156 4.14 13.63 31.05
C PHE A 156 4.15 14.00 32.51
N SER A 157 5.37 14.24 32.95
CA SER A 157 5.71 14.65 34.29
C SER A 157 7.13 15.17 34.13
N ALA A 158 7.63 15.06 32.88
CA ALA A 158 8.96 15.48 32.50
C ALA A 158 9.24 15.33 31.00
N SER A 159 9.92 16.36 30.46
CA SER A 159 10.32 16.41 29.05
C SER A 159 11.44 17.42 28.94
N CYS A 160 12.50 17.09 28.24
CA CYS A 160 13.60 18.03 28.06
C CYS A 160 13.35 18.67 26.70
N VAL A 161 12.74 19.86 26.70
CA VAL A 161 12.41 20.58 25.46
C VAL A 161 12.62 22.11 25.42
N PRO A 162 13.29 22.60 24.37
CA PRO A 162 13.58 24.02 24.11
C PRO A 162 12.35 24.89 23.86
N GLY A 163 11.15 24.32 23.93
CA GLY A 163 9.94 25.09 23.72
C GLY A 163 9.40 25.60 25.04
N ALA A 164 9.52 26.91 25.29
CA ALA A 164 9.05 27.49 26.55
C ALA A 164 8.22 28.79 26.47
N THR A 165 7.50 28.96 25.36
CA THR A 165 6.66 30.13 25.17
C THR A 165 5.43 30.05 26.07
N ILE A 166 5.11 28.83 26.50
CA ILE A 166 3.95 28.59 27.36
C ILE A 166 4.11 27.57 28.51
N GLU A 167 4.31 26.29 28.17
CA GLU A 167 4.43 25.19 29.15
C GLU A 167 5.79 24.74 29.74
N GLN A 168 5.76 24.41 31.03
CA GLN A 168 6.94 23.98 31.80
C GLN A 168 7.12 22.47 31.98
N LYS A 169 6.02 21.71 32.11
CA LYS A 169 6.17 20.25 32.31
C LYS A 169 6.85 19.53 31.13
N LEU A 170 7.38 20.31 30.20
CA LEU A 170 8.13 19.83 29.05
C LEU A 170 9.53 20.47 29.07
N CYS A 171 9.96 20.90 30.25
CA CYS A 171 11.27 21.52 30.44
C CYS A 171 11.82 21.09 31.80
N ARG A 172 12.45 19.91 31.82
CA ARG A 172 12.95 19.33 33.07
C ARG A 172 14.39 18.79 33.04
N GLN A 173 14.52 17.55 32.62
CA GLN A 173 15.80 16.84 32.55
C GLN A 173 16.88 17.33 31.57
N CYS A 174 16.90 18.63 31.30
CA CYS A 174 17.91 19.17 30.39
C CYS A 174 19.07 19.53 31.27
N LYS A 175 20.26 19.06 30.89
CA LYS A 175 21.51 19.30 31.63
C LYS A 175 22.16 20.64 31.24
N GLY A 176 23.01 21.18 32.13
CA GLY A 176 23.71 22.44 31.86
C GLY A 176 23.67 23.52 32.95
N ASP A 177 23.55 24.76 32.50
CA ASP A 177 23.47 25.93 33.40
C ASP A 177 22.01 26.27 33.70
N PRO A 178 21.75 26.89 34.86
CA PRO A 178 20.42 27.30 35.31
C PRO A 178 19.73 28.43 34.50
N LYS A 179 20.34 28.82 33.38
CA LYS A 179 19.80 29.89 32.53
C LYS A 179 20.13 29.67 31.04
N THR A 180 20.68 28.49 30.73
CA THR A 180 21.06 28.12 29.37
C THR A 180 20.45 26.75 28.98
N LYS A 181 19.52 26.27 29.82
CA LYS A 181 18.84 24.97 29.64
C LYS A 181 17.86 24.80 28.47
N CYS A 182 16.63 25.25 28.70
CA CYS A 182 15.58 25.14 27.69
C CYS A 182 15.76 26.12 26.57
N ALA A 183 16.87 25.92 25.90
CA ALA A 183 17.27 26.70 24.76
C ALA A 183 17.58 25.66 23.67
N ARG A 184 17.11 25.91 22.46
CA ARG A 184 17.38 25.01 21.35
C ARG A 184 18.89 24.81 21.19
N ASN A 185 19.66 25.85 21.51
CA ASN A 185 21.12 25.84 21.38
C ASN A 185 21.95 25.04 22.40
N ALA A 186 21.29 24.46 23.41
CA ALA A 186 21.97 23.67 24.45
C ALA A 186 22.44 22.30 23.93
N PRO A 187 23.75 22.04 23.99
CA PRO A 187 24.34 20.78 23.52
C PRO A 187 23.75 19.52 24.16
N TYR A 188 22.70 19.68 24.97
CA TYR A 188 22.07 18.53 25.58
C TYR A 188 20.91 18.07 24.71
N SER A 189 21.11 18.08 23.40
CA SER A 189 20.05 17.65 22.47
C SER A 189 20.61 17.38 21.06
N GLY A 190 19.83 17.71 20.03
CA GLY A 190 20.26 17.46 18.65
C GLY A 190 19.98 16.02 18.28
N TYR A 191 20.95 15.15 18.57
CA TYR A 191 20.85 13.71 18.32
C TYR A 191 21.75 13.02 19.33
N SER A 192 22.68 13.79 19.90
CA SER A 192 23.63 13.29 20.88
C SER A 192 23.34 13.71 22.34
N GLY A 193 23.04 14.99 22.56
CA GLY A 193 22.74 15.47 23.91
C GLY A 193 21.48 14.81 24.46
N ALA A 194 20.49 14.61 23.59
CA ALA A 194 19.25 13.95 23.98
C ALA A 194 19.47 12.44 24.07
N PHE A 195 20.49 11.95 23.36
CA PHE A 195 20.92 10.54 23.35
C PHE A 195 21.75 10.38 24.62
N HIS A 196 22.22 11.52 25.13
CA HIS A 196 22.98 11.54 26.36
C HIS A 196 21.93 11.42 27.43
N CYS A 197 20.66 11.70 27.11
CA CYS A 197 19.59 11.59 28.11
C CYS A 197 19.52 10.19 28.68
N LEU A 198 19.43 9.17 27.83
CA LEU A 198 19.38 7.80 28.33
C LEU A 198 20.79 7.37 28.80
N LYS A 199 21.80 8.04 28.25
CA LYS A 199 23.22 7.80 28.55
C LYS A 199 23.60 8.30 29.95
N ASP A 200 23.16 9.51 30.28
CA ASP A 200 23.37 10.12 31.59
C ASP A 200 22.02 10.05 32.28
N GLY A 201 21.28 8.98 32.01
CA GLY A 201 19.97 8.76 32.58
C GLY A 201 19.03 9.94 32.82
N LYS A 202 19.32 11.10 32.26
CA LYS A 202 18.47 12.29 32.46
C LYS A 202 17.27 12.32 31.47
N GLY A 203 16.27 11.48 31.78
CA GLY A 203 15.08 11.32 30.97
C GLY A 203 14.90 9.83 30.72
N ASP A 204 13.66 9.33 30.78
CA ASP A 204 13.38 7.90 30.57
C ASP A 204 13.10 7.49 29.14
N VAL A 205 12.18 8.19 28.48
CA VAL A 205 11.91 7.89 27.07
C VAL A 205 12.57 8.93 26.20
N ALA A 206 13.23 8.45 25.16
CA ALA A 206 13.93 9.31 24.23
C ALA A 206 14.01 8.66 22.85
N PHE A 207 13.56 9.41 21.86
CA PHE A 207 13.54 8.97 20.47
C PHE A 207 14.22 10.01 19.61
N VAL A 208 15.20 9.55 18.82
CA VAL A 208 15.92 10.43 17.90
C VAL A 208 16.09 9.72 16.55
N LYS A 209 16.83 10.39 15.68
CA LYS A 209 17.15 9.87 14.36
C LYS A 209 17.77 8.49 14.58
N HIS A 210 17.40 7.54 13.74
CA HIS A 210 17.94 6.19 13.85
C HIS A 210 19.45 6.17 13.68
N THR A 211 20.02 4.98 13.86
CA THR A 211 21.44 4.75 13.66
C THR A 211 22.43 5.80 14.15
N THR A 212 22.05 6.51 15.20
CA THR A 212 22.91 7.51 15.81
C THR A 212 23.77 6.76 16.83
N VAL A 213 23.20 5.67 17.34
CA VAL A 213 23.86 4.78 18.30
C VAL A 213 24.92 3.96 17.55
N ASN A 214 25.39 4.49 16.41
CA ASN A 214 26.39 3.86 15.58
C ASN A 214 27.41 4.91 15.22
N GLU A 215 26.90 6.11 14.99
CA GLU A 215 27.75 7.24 14.67
C GLU A 215 28.51 7.55 15.94
N ASN A 216 27.75 7.54 17.05
CA ASN A 216 28.27 7.84 18.39
C ASN A 216 29.23 6.78 18.93
N ALA A 217 28.73 5.56 19.14
CA ALA A 217 29.56 4.47 19.66
C ALA A 217 29.11 3.06 19.27
N PRO A 218 29.76 2.47 18.25
CA PRO A 218 29.44 1.12 17.76
C PRO A 218 29.67 0.07 18.83
N ASP A 219 30.65 0.34 19.71
CA ASP A 219 31.03 -0.55 20.80
C ASP A 219 29.81 -0.81 21.71
N GLN A 220 29.87 -0.28 22.95
CA GLN A 220 28.81 -0.44 23.97
C GLN A 220 27.44 -0.44 23.32
N LYS A 221 26.81 -1.60 23.24
CA LYS A 221 25.54 -1.68 22.56
C LYS A 221 24.24 -1.84 23.34
N ASP A 222 23.95 -3.08 23.72
CA ASP A 222 22.74 -3.48 24.43
C ASP A 222 22.36 -2.74 25.72
N GLU A 223 23.21 -1.80 26.14
CA GLU A 223 22.91 -0.98 27.32
C GLU A 223 21.67 -0.21 26.89
N TYR A 224 21.55 -0.06 25.57
CA TYR A 224 20.43 0.63 24.93
C TYR A 224 19.89 -0.25 23.81
N GLU A 225 18.60 -0.11 23.56
CA GLU A 225 17.95 -0.89 22.52
C GLU A 225 16.69 -0.17 22.04
N LEU A 226 16.31 -0.41 20.79
CA LEU A 226 15.12 0.21 20.18
C LEU A 226 13.81 -0.41 20.65
N LEU A 227 12.77 0.41 20.71
CA LEU A 227 11.43 0.00 21.17
C LEU A 227 10.34 0.17 20.10
N CYS A 228 9.70 -0.93 19.74
CA CYS A 228 8.67 -0.90 18.71
C CYS A 228 7.31 -0.44 19.19
N LEU A 229 6.52 0.05 18.23
CA LEU A 229 5.17 0.54 18.43
C LEU A 229 4.17 -0.61 18.61
N ASP A 230 4.60 -1.81 18.25
CA ASP A 230 3.81 -3.04 18.35
C ASP A 230 4.31 -3.96 19.45
N GLY A 231 4.23 -3.46 20.67
CA GLY A 231 4.68 -4.19 21.84
C GLY A 231 6.17 -4.44 21.91
N SER A 232 6.68 -5.08 20.84
CA SER A 232 8.07 -5.44 20.68
C SER A 232 9.13 -4.36 20.89
N ARG A 233 10.36 -4.84 21.09
CA ARG A 233 11.55 -4.02 21.30
C ARG A 233 12.72 -4.84 20.74
N GLN A 234 13.73 -4.17 20.18
CA GLN A 234 14.83 -4.90 19.57
C GLN A 234 16.19 -4.17 19.66
N PRO A 235 17.30 -4.80 19.17
CA PRO A 235 18.65 -4.23 19.20
C PRO A 235 18.97 -2.94 18.46
N VAL A 236 20.27 -2.69 18.36
CA VAL A 236 20.81 -1.51 17.71
C VAL A 236 20.34 -1.33 16.27
N ASP A 237 20.82 -2.20 15.39
CA ASP A 237 20.48 -2.11 13.98
C ASP A 237 19.10 -2.63 13.62
N ASN A 238 18.25 -2.77 14.64
CA ASN A 238 16.89 -3.29 14.47
C ASN A 238 15.83 -2.18 14.31
N TYR A 239 16.09 -1.26 13.36
CA TYR A 239 15.22 -0.11 13.07
C TYR A 239 14.34 -0.24 11.82
N LYS A 240 14.85 -0.97 10.83
CA LYS A 240 14.15 -1.17 9.56
C LYS A 240 12.85 -1.96 9.74
N THR A 241 12.49 -2.19 11.00
CA THR A 241 11.32 -2.96 11.44
C THR A 241 10.81 -2.47 12.81
N CYS A 242 11.55 -1.55 13.43
CA CYS A 242 11.18 -1.02 14.73
C CYS A 242 11.46 0.49 14.81
N ASN A 243 11.06 1.19 13.75
CA ASN A 243 11.22 2.65 13.66
C ASN A 243 9.84 3.29 13.56
N TRP A 244 9.63 4.36 14.34
CA TRP A 244 8.37 5.07 14.36
C TRP A 244 7.87 5.56 13.03
N ALA A 245 8.77 6.02 12.17
CA ALA A 245 8.34 6.53 10.86
C ALA A 245 9.23 6.29 9.66
N ARG A 246 8.57 6.29 8.50
CA ARG A 246 9.24 6.13 7.23
C ARG A 246 9.53 7.58 6.82
N VAL A 247 10.39 8.26 7.57
CA VAL A 247 10.67 9.64 7.25
C VAL A 247 11.33 9.75 5.89
N ALA A 248 10.58 10.34 4.95
CA ALA A 248 11.01 10.52 3.57
C ALA A 248 12.37 11.22 3.35
N ALA A 249 12.56 11.69 2.12
CA ALA A 249 13.76 12.39 1.70
C ALA A 249 13.37 13.35 0.62
N HIS A 250 13.66 14.63 0.85
CA HIS A 250 13.39 15.75 -0.07
C HIS A 250 12.90 15.36 -1.45
N ALA A 251 11.72 15.84 -1.80
CA ALA A 251 11.13 15.54 -3.10
C ALA A 251 10.98 16.82 -3.92
N VAL A 252 10.31 16.67 -5.07
CA VAL A 252 10.04 17.78 -5.99
C VAL A 252 8.54 17.73 -6.29
N VAL A 253 7.83 18.79 -5.93
CA VAL A 253 6.39 18.87 -6.16
C VAL A 253 5.98 19.51 -7.48
N ALA A 254 4.71 19.93 -7.55
CA ALA A 254 4.12 20.57 -8.72
C ALA A 254 2.60 20.36 -8.64
N ARG A 255 1.87 21.12 -9.44
CA ARG A 255 0.40 21.01 -9.46
C ARG A 255 0.10 19.64 -10.05
N ASP A 256 -1.09 19.49 -10.59
CA ASP A 256 -1.45 18.24 -11.22
C ASP A 256 -2.04 18.60 -12.59
N ASP A 257 -1.27 18.39 -13.65
CA ASP A 257 -1.73 18.72 -15.00
C ASP A 257 -0.96 18.14 -16.20
N ASN A 258 -1.11 18.82 -17.34
CA ASN A 258 -0.46 18.45 -18.60
C ASN A 258 1.03 18.75 -18.53
N LYS A 259 1.35 19.97 -18.11
CA LYS A 259 2.72 20.48 -17.98
C LYS A 259 3.42 19.81 -16.81
N VAL A 260 3.63 18.50 -16.93
CA VAL A 260 4.26 17.72 -15.87
C VAL A 260 5.58 17.04 -16.23
N GLU A 261 5.51 15.97 -16.99
CA GLU A 261 6.71 15.25 -17.39
C GLU A 261 7.87 16.13 -17.84
N ASP A 262 7.56 17.27 -18.47
CA ASP A 262 8.60 18.19 -18.92
C ASP A 262 9.43 18.62 -17.71
N ILE A 263 8.78 18.59 -16.56
CA ILE A 263 9.41 18.95 -15.31
C ILE A 263 10.38 17.82 -14.97
N TRP A 264 10.02 16.62 -15.38
CA TRP A 264 10.84 15.43 -15.14
C TRP A 264 12.02 15.36 -16.10
N SER A 265 11.74 15.71 -17.36
CA SER A 265 12.71 15.69 -18.42
C SER A 265 13.69 16.84 -18.37
N PHE A 266 13.24 18.03 -17.98
CA PHE A 266 14.13 19.17 -17.88
C PHE A 266 15.04 19.08 -16.66
N LEU A 267 14.87 18.00 -15.89
CA LEU A 267 15.70 17.77 -14.73
C LEU A 267 16.55 16.52 -14.92
N SER A 268 15.92 15.40 -15.29
CA SER A 268 16.66 14.17 -15.50
C SER A 268 17.79 14.47 -16.46
N LYS A 269 17.52 15.37 -17.40
CA LYS A 269 18.51 15.77 -18.40
C LYS A 269 19.47 16.74 -17.74
N ALA A 270 18.95 17.52 -16.81
CA ALA A 270 19.76 18.47 -16.07
C ALA A 270 20.56 17.65 -15.06
N GLN A 271 20.53 16.33 -15.24
CA GLN A 271 21.25 15.42 -14.38
C GLN A 271 22.26 14.61 -15.22
N SER A 272 21.75 13.84 -16.19
CA SER A 272 22.60 13.00 -17.04
C SER A 272 23.71 13.76 -17.73
N ASP A 273 23.48 15.03 -17.98
CA ASP A 273 24.48 15.85 -18.64
C ASP A 273 25.24 16.65 -17.58
N PHE A 274 24.49 17.47 -16.88
CA PHE A 274 25.05 18.38 -15.88
C PHE A 274 24.80 17.96 -14.44
N GLY A 275 25.00 16.67 -14.17
CA GLY A 275 24.80 16.16 -12.81
C GLY A 275 26.06 16.08 -11.97
N VAL A 276 26.12 15.09 -11.07
CA VAL A 276 27.27 14.88 -10.20
C VAL A 276 28.50 14.49 -11.04
N ASP A 277 28.22 13.84 -12.17
CA ASP A 277 29.23 13.39 -13.12
C ASP A 277 29.61 14.45 -14.15
N THR A 278 28.87 15.55 -14.19
CA THR A 278 29.13 16.59 -15.16
C THR A 278 30.57 17.18 -15.10
N LYS A 279 31.17 17.25 -16.28
CA LYS A 279 32.52 17.80 -16.44
C LYS A 279 32.46 19.29 -16.80
N SER A 280 31.55 20.02 -16.13
CA SER A 280 31.37 21.45 -16.33
C SER A 280 31.77 22.24 -15.09
N ASP A 281 30.98 23.27 -14.79
CA ASP A 281 31.24 24.12 -13.63
C ASP A 281 30.07 24.08 -12.63
N PHE A 282 29.35 22.96 -12.63
CA PHE A 282 28.20 22.79 -11.76
C PHE A 282 28.03 21.39 -11.17
N HIS A 283 27.67 21.36 -9.88
CA HIS A 283 27.42 20.13 -9.13
C HIS A 283 26.00 20.20 -8.60
N LEU A 284 25.07 19.81 -9.48
CA LEU A 284 23.62 19.81 -9.25
C LEU A 284 23.11 19.16 -7.94
N PHE A 285 23.99 18.46 -7.22
CA PHE A 285 23.60 17.81 -5.96
C PHE A 285 24.39 18.29 -4.76
N GLY A 286 25.30 19.24 -5.01
CA GLY A 286 26.14 19.77 -3.96
C GLY A 286 27.18 18.73 -3.61
N PRO A 287 28.47 19.00 -3.90
CA PRO A 287 29.49 18.01 -3.58
C PRO A 287 29.60 17.96 -2.06
N PRO A 288 29.69 16.75 -1.46
CA PRO A 288 29.79 16.65 0.00
C PRO A 288 30.87 17.57 0.57
N GLY A 289 30.41 18.70 1.11
CA GLY A 289 31.30 19.71 1.69
C GLY A 289 30.58 20.74 2.55
N LYS A 290 31.35 21.39 3.43
CA LYS A 290 30.83 22.44 4.34
C LYS A 290 30.65 23.81 3.65
N LYS A 291 29.90 24.71 4.29
CA LYS A 291 29.67 26.03 3.69
C LYS A 291 29.05 26.99 4.71
N ASP A 292 28.50 28.10 4.22
CA ASP A 292 27.86 29.12 5.04
C ASP A 292 26.38 28.77 5.17
N PRO A 293 25.87 28.59 6.41
CA PRO A 293 24.46 28.26 6.70
C PRO A 293 23.42 29.00 5.88
N VAL A 294 23.84 30.10 5.27
CA VAL A 294 22.96 30.89 4.41
C VAL A 294 22.80 30.07 3.12
N LEU A 295 23.92 29.51 2.66
CA LEU A 295 23.96 28.69 1.45
C LEU A 295 24.13 27.20 1.71
N LYS A 296 23.13 26.60 2.33
CA LYS A 296 23.13 25.17 2.60
C LYS A 296 22.00 24.53 1.79
N ASP A 297 22.21 23.28 1.35
CA ASP A 297 21.24 22.51 0.55
C ASP A 297 20.46 23.37 -0.49
N LEU A 298 21.16 24.32 -1.09
CA LEU A 298 20.58 25.25 -2.07
C LEU A 298 20.14 24.62 -3.40
N LEU A 299 19.03 25.15 -3.92
CA LEU A 299 18.36 24.73 -5.16
C LEU A 299 17.84 23.32 -5.03
N PHE A 300 18.74 22.46 -4.54
CA PHE A 300 18.53 21.05 -4.29
C PHE A 300 19.45 20.71 -3.11
N LYS A 301 19.02 19.76 -2.29
CA LYS A 301 19.78 19.33 -1.11
C LYS A 301 21.24 19.03 -1.50
N ASP A 302 22.16 19.59 -0.72
CA ASP A 302 23.57 19.38 -0.99
C ASP A 302 24.07 17.99 -0.68
N SER A 303 23.43 17.31 0.25
CA SER A 303 23.87 15.97 0.60
C SER A 303 23.14 14.89 -0.18
N ALA A 304 23.03 15.08 -1.49
CA ALA A 304 22.34 14.10 -2.32
C ALA A 304 23.22 13.48 -3.40
N ILE A 305 22.88 12.25 -3.75
CA ILE A 305 23.60 11.44 -4.74
C ILE A 305 23.04 11.51 -6.16
N MET A 306 21.71 11.60 -6.24
CA MET A 306 20.97 11.67 -7.50
C MET A 306 19.48 11.80 -7.14
N LEU A 307 18.64 11.91 -8.16
CA LEU A 307 17.20 12.05 -7.95
C LEU A 307 16.48 10.89 -8.62
N LYS A 308 15.58 10.27 -7.86
CA LYS A 308 14.81 9.15 -8.38
C LYS A 308 13.39 9.65 -8.67
N ARG A 309 12.73 9.03 -9.64
CA ARG A 309 11.38 9.44 -10.03
C ARG A 309 10.27 8.96 -9.10
N VAL A 310 9.15 9.66 -9.12
CA VAL A 310 8.00 9.31 -8.29
C VAL A 310 6.72 9.19 -9.10
N PRO A 311 5.99 8.07 -8.95
CA PRO A 311 4.74 7.75 -9.64
C PRO A 311 3.71 8.86 -9.78
N SER A 312 2.96 8.77 -10.87
CA SER A 312 1.91 9.72 -11.20
C SER A 312 0.99 9.90 -10.01
N LEU A 313 0.33 8.80 -9.64
CA LEU A 313 -0.63 8.73 -8.52
C LEU A 313 -0.13 9.24 -7.17
N MET A 314 1.10 8.88 -6.81
CA MET A 314 1.74 9.28 -5.56
C MET A 314 1.39 10.67 -5.01
N ASP A 315 0.72 10.68 -3.85
CA ASP A 315 0.31 11.91 -3.16
C ASP A 315 1.11 12.10 -1.84
N SER A 316 0.89 13.21 -1.15
CA SER A 316 1.58 13.47 0.13
C SER A 316 1.28 12.34 1.10
N GLN A 317 -0.02 12.19 1.37
CA GLN A 317 -0.57 11.18 2.23
C GLN A 317 0.11 9.83 2.02
N LEU A 318 0.72 9.67 0.84
CA LEU A 318 1.40 8.44 0.50
C LEU A 318 2.92 8.52 0.50
N TYR A 319 3.49 9.44 -0.28
CA TYR A 319 4.95 9.54 -0.37
C TYR A 319 5.73 9.51 0.95
N LEU A 320 5.35 10.40 1.85
CA LEU A 320 6.02 10.54 3.15
C LEU A 320 5.83 9.38 4.14
N GLY A 321 4.88 8.50 3.84
CA GLY A 321 4.60 7.36 4.69
C GLY A 321 3.35 7.61 5.52
N PHE A 322 2.77 6.53 6.03
CA PHE A 322 1.56 6.61 6.86
C PHE A 322 1.95 7.18 8.21
N GLU A 323 2.94 6.54 8.81
CA GLU A 323 3.47 6.92 10.09
C GLU A 323 3.59 8.43 10.19
N TYR A 324 4.49 9.00 9.40
CA TYR A 324 4.70 10.44 9.41
C TYR A 324 3.38 11.17 9.26
N TYR A 325 2.57 10.73 8.30
CA TYR A 325 1.27 11.34 8.04
C TYR A 325 0.39 11.25 9.28
N SER A 326 0.17 10.03 9.76
CA SER A 326 -0.64 9.80 10.95
C SER A 326 -0.16 10.70 12.07
N ALA A 327 1.15 10.67 12.28
CA ALA A 327 1.75 11.49 13.30
C ALA A 327 1.30 12.95 13.18
N ILE A 328 1.68 13.58 12.07
CA ILE A 328 1.38 14.99 11.85
C ILE A 328 -0.09 15.31 11.60
N GLN A 329 -0.90 14.28 11.39
CA GLN A 329 -2.32 14.51 11.16
C GLN A 329 -2.95 14.84 12.50
N SER A 330 -2.29 14.33 13.55
CA SER A 330 -2.70 14.51 14.93
C SER A 330 -2.61 15.98 15.34
N MET A 331 -1.95 16.79 14.50
CA MET A 331 -1.79 18.20 14.80
C MET A 331 -2.98 19.08 14.43
N ARG A 332 -2.68 20.36 14.30
CA ARG A 332 -3.66 21.40 14.00
C ARG A 332 -3.96 21.54 12.51
N LYS A 333 -3.86 20.45 11.75
CA LYS A 333 -4.19 20.48 10.33
C LYS A 333 -5.72 20.48 10.33
N ASP A 334 -6.24 19.98 11.44
CA ASP A 334 -7.66 19.86 11.78
C ASP A 334 -7.70 18.96 13.02
N GLN A 335 -8.32 19.45 14.09
CA GLN A 335 -8.42 18.65 15.31
C GLN A 335 -9.22 17.38 15.02
N LEU A 336 -10.51 17.53 14.72
CA LEU A 336 -11.35 16.38 14.42
C LEU A 336 -12.62 16.63 13.59
N THR A 337 -12.57 17.58 12.64
CA THR A 337 -13.75 17.81 11.81
C THR A 337 -13.74 16.91 10.57
N PRO A 338 -12.60 16.83 9.86
CA PRO A 338 -12.53 15.97 8.67
C PRO A 338 -11.71 14.72 9.02
N SER A 339 -11.38 14.59 10.31
CA SER A 339 -10.60 13.47 10.81
C SER A 339 -10.90 13.13 12.28
N PRO A 340 -12.01 12.40 12.54
CA PRO A 340 -12.39 12.02 13.91
C PRO A 340 -11.54 10.91 14.59
N ARG A 341 -12.08 10.35 15.69
CA ARG A 341 -11.42 9.29 16.46
C ARG A 341 -12.34 8.04 16.54
N GLU A 342 -13.01 7.74 15.43
CA GLU A 342 -13.91 6.58 15.37
C GLU A 342 -13.14 5.24 15.42
N ASN A 343 -12.62 4.92 16.62
CA ASN A 343 -11.85 3.70 16.87
C ASN A 343 -12.47 2.41 16.30
N ARG A 344 -13.81 2.37 16.24
CA ARG A 344 -14.57 1.23 15.73
C ARG A 344 -14.23 0.86 14.26
N ILE A 345 -14.51 -0.39 13.88
CA ILE A 345 -14.24 -0.86 12.52
C ILE A 345 -15.26 -0.30 11.51
N GLN A 346 -14.84 -0.30 10.25
CA GLN A 346 -15.60 0.20 9.11
C GLN A 346 -15.21 -0.72 7.97
N TRP A 347 -15.78 -0.51 6.77
CA TRP A 347 -15.43 -1.35 5.62
C TRP A 347 -15.42 -0.71 4.23
N CYS A 348 -14.50 -1.15 3.39
CA CYS A 348 -14.41 -0.65 2.02
C CYS A 348 -15.46 -1.34 1.21
N ALA A 349 -16.60 -0.68 1.06
CA ALA A 349 -17.70 -1.22 0.27
C ALA A 349 -17.31 -0.96 -1.17
N VAL A 350 -17.66 -1.88 -2.07
CA VAL A 350 -17.32 -1.69 -3.48
C VAL A 350 -18.56 -1.95 -4.30
N GLY A 351 -19.44 -0.96 -4.31
CA GLY A 351 -20.68 -1.06 -5.04
C GLY A 351 -21.86 -0.51 -4.26
N LYS A 352 -22.87 -0.06 -4.99
CA LYS A 352 -24.12 0.48 -4.43
C LYS A 352 -24.86 -0.72 -3.83
N ASP A 353 -24.53 -1.87 -4.38
CA ASP A 353 -25.10 -3.12 -3.97
C ASP A 353 -24.35 -3.57 -2.72
N GLU A 354 -23.13 -3.05 -2.55
CA GLU A 354 -22.26 -3.39 -1.42
C GLU A 354 -22.31 -2.35 -0.29
N LYS A 355 -22.29 -1.07 -0.64
CA LYS A 355 -22.35 0.02 0.35
C LYS A 355 -23.56 -0.21 1.19
N SER A 356 -24.71 -0.18 0.52
CA SER A 356 -25.96 -0.40 1.20
C SER A 356 -25.94 -1.75 1.91
N LYS A 357 -25.16 -2.71 1.37
CA LYS A 357 -25.07 -4.01 2.04
C LYS A 357 -24.42 -3.70 3.37
N CYS A 358 -23.36 -2.91 3.32
CA CYS A 358 -22.64 -2.52 4.52
C CYS A 358 -23.56 -1.67 5.38
N ASP A 359 -24.42 -0.90 4.72
CA ASP A 359 -25.38 -0.06 5.41
C ASP A 359 -26.44 -0.92 6.06
N ARG A 360 -26.87 -1.98 5.37
CA ARG A 360 -27.85 -2.94 5.88
C ARG A 360 -27.40 -3.43 7.25
N TRP A 361 -26.11 -3.29 7.47
CA TRP A 361 -25.46 -3.72 8.67
C TRP A 361 -25.32 -2.63 9.70
N SER A 362 -24.86 -1.47 9.23
CA SER A 362 -24.60 -0.29 10.05
C SER A 362 -25.67 0.14 11.09
N VAL A 363 -26.89 -0.38 10.93
CA VAL A 363 -27.95 -0.07 11.87
C VAL A 363 -27.82 -1.12 12.96
N VAL A 364 -27.81 -2.38 12.53
CA VAL A 364 -27.68 -3.53 13.41
C VAL A 364 -26.23 -3.79 13.86
N SER A 365 -25.42 -2.73 13.86
CA SER A 365 -24.04 -2.85 14.29
C SER A 365 -23.68 -1.63 15.12
N ASN A 366 -24.68 -0.80 15.39
CA ASN A 366 -24.55 0.41 16.19
C ASN A 366 -23.18 1.07 16.30
N GLY A 367 -22.45 1.08 15.18
CA GLY A 367 -21.12 1.69 15.13
C GLY A 367 -19.97 0.71 15.18
N ASP A 368 -20.30 -0.49 15.68
CA ASP A 368 -19.37 -1.58 15.81
C ASP A 368 -18.75 -1.88 14.44
N VAL A 369 -19.49 -1.54 13.37
CA VAL A 369 -19.03 -1.74 12.00
C VAL A 369 -19.53 -0.64 11.03
N GLU A 370 -18.64 0.28 10.65
CA GLU A 370 -18.99 1.39 9.75
C GLU A 370 -18.91 1.10 8.23
N CYS A 371 -18.97 2.17 7.42
CA CYS A 371 -18.93 2.05 5.95
C CYS A 371 -18.39 3.26 5.13
N THR A 372 -17.75 2.94 4.00
CA THR A 372 -17.22 3.90 3.03
C THR A 372 -17.20 3.11 1.71
N VAL A 373 -18.11 3.48 0.80
CA VAL A 373 -18.21 2.76 -0.48
C VAL A 373 -17.21 3.21 -1.54
N VAL A 374 -16.98 2.35 -2.54
CA VAL A 374 -16.05 2.64 -3.62
C VAL A 374 -16.53 2.27 -5.03
N ASP A 375 -15.78 2.76 -6.02
CA ASP A 375 -16.07 2.56 -7.43
C ASP A 375 -15.22 1.43 -8.01
N GLU A 376 -13.91 1.66 -8.09
CA GLU A 376 -13.00 0.65 -8.58
C GLU A 376 -12.67 -0.15 -7.34
N THR A 377 -12.72 -1.47 -7.43
CA THR A 377 -12.42 -2.33 -6.29
C THR A 377 -10.99 -2.09 -5.82
N LYS A 378 -10.22 -1.36 -6.62
CA LYS A 378 -8.86 -1.06 -6.26
C LYS A 378 -8.76 0.19 -5.37
N ASP A 379 -9.88 0.88 -5.18
CA ASP A 379 -9.92 2.06 -4.31
C ASP A 379 -9.63 1.56 -2.90
N CYS A 380 -10.17 0.37 -2.60
CA CYS A 380 -10.02 -0.28 -1.30
C CYS A 380 -8.59 -0.30 -0.80
N ILE A 381 -7.67 -0.76 -1.65
CA ILE A 381 -6.26 -0.89 -1.33
C ILE A 381 -5.59 0.40 -0.89
N ILE A 382 -5.95 1.50 -1.52
CA ILE A 382 -5.36 2.77 -1.17
C ILE A 382 -6.01 3.38 0.05
N LYS A 383 -7.33 3.31 0.11
CA LYS A 383 -8.05 3.89 1.24
C LYS A 383 -7.62 3.35 2.61
N ILE A 384 -7.60 2.03 2.75
CA ILE A 384 -7.21 1.39 4.00
C ILE A 384 -5.81 1.82 4.34
N MET A 385 -4.90 1.66 3.38
CA MET A 385 -3.52 2.04 3.60
C MET A 385 -3.41 3.54 3.83
N LYS A 386 -4.46 4.28 3.44
CA LYS A 386 -4.51 5.73 3.64
C LYS A 386 -5.14 6.03 5.01
N GLY A 387 -5.56 4.97 5.69
CA GLY A 387 -6.19 5.08 6.99
C GLY A 387 -7.69 5.34 6.87
N GLU A 388 -8.09 5.78 5.68
CA GLU A 388 -9.48 6.09 5.39
C GLU A 388 -10.35 4.85 5.47
N ALA A 389 -9.88 3.77 4.88
CA ALA A 389 -10.62 2.51 4.93
C ALA A 389 -9.96 1.62 5.99
N ASP A 390 -10.69 0.59 6.43
CA ASP A 390 -10.18 -0.31 7.47
C ASP A 390 -9.84 -1.72 7.00
N ALA A 391 -10.81 -2.39 6.38
CA ALA A 391 -10.57 -3.74 5.89
C ALA A 391 -11.06 -3.93 4.45
N VAL A 392 -11.01 -5.18 3.99
CA VAL A 392 -11.46 -5.54 2.65
C VAL A 392 -11.38 -7.05 2.46
N ALA A 393 -12.32 -7.58 1.70
CA ALA A 393 -12.37 -9.00 1.42
C ALA A 393 -12.25 -9.14 -0.08
N LEU A 394 -11.05 -9.48 -0.56
CA LEU A 394 -10.82 -9.60 -2.01
C LEU A 394 -10.29 -10.92 -2.58
N ASP A 395 -10.21 -10.99 -3.90
CA ASP A 395 -9.75 -12.17 -4.63
C ASP A 395 -8.24 -12.36 -4.55
N GLY A 396 -7.77 -13.48 -5.11
CA GLY A 396 -6.35 -13.82 -5.10
C GLY A 396 -5.36 -12.77 -5.55
N GLY A 397 -5.45 -12.33 -6.80
CA GLY A 397 -4.54 -11.32 -7.33
C GLY A 397 -4.43 -10.01 -6.57
N LEU A 398 -5.58 -9.45 -6.20
CA LEU A 398 -5.66 -8.20 -5.46
C LEU A 398 -4.86 -8.29 -4.15
N VAL A 399 -4.74 -9.52 -3.64
CA VAL A 399 -4.00 -9.81 -2.42
C VAL A 399 -2.53 -9.55 -2.64
N TYR A 400 -2.06 -9.86 -3.85
CA TYR A 400 -0.67 -9.67 -4.20
C TYR A 400 -0.30 -8.20 -4.11
N THR A 401 -0.92 -7.42 -4.98
CA THR A 401 -0.72 -5.99 -5.05
C THR A 401 -0.76 -5.37 -3.66
N ALA A 402 -1.78 -5.76 -2.92
CA ALA A 402 -2.00 -5.30 -1.56
C ALA A 402 -0.72 -5.52 -0.77
N GLY A 403 -0.34 -6.77 -0.62
CA GLY A 403 0.86 -7.11 0.12
C GLY A 403 2.09 -6.33 -0.27
N VAL A 404 2.16 -5.95 -1.54
CA VAL A 404 3.30 -5.18 -2.04
C VAL A 404 3.20 -3.77 -1.45
N CYS A 405 1.95 -3.34 -1.27
CA CYS A 405 1.66 -2.03 -0.70
C CYS A 405 1.86 -2.02 0.80
N GLY A 406 1.92 -3.20 1.40
CA GLY A 406 2.11 -3.24 2.83
C GLY A 406 0.90 -3.77 3.57
N LEU A 407 -0.18 -4.05 2.84
CA LEU A 407 -1.35 -4.59 3.50
C LEU A 407 -1.31 -6.11 3.41
N VAL A 408 -1.95 -6.80 4.36
CA VAL A 408 -1.92 -8.27 4.42
C VAL A 408 -3.20 -8.94 4.92
N PRO A 409 -3.35 -10.26 4.64
CA PRO A 409 -4.51 -11.06 5.05
C PRO A 409 -4.55 -11.24 6.56
N VAL A 410 -5.74 -11.14 7.13
CA VAL A 410 -5.88 -11.23 8.57
C VAL A 410 -6.93 -12.25 9.00
N MET A 411 -7.94 -12.45 8.15
CA MET A 411 -9.00 -13.40 8.43
C MET A 411 -9.63 -13.90 7.14
N ALA A 412 -9.19 -15.07 6.68
CA ALA A 412 -9.69 -15.61 5.43
C ALA A 412 -10.96 -16.45 5.56
N GLU A 413 -11.64 -16.55 4.42
CA GLU A 413 -12.89 -17.29 4.25
C GLU A 413 -12.71 -18.82 4.34
N ARG A 414 -13.85 -19.51 4.34
CA ARG A 414 -13.93 -20.97 4.39
C ARG A 414 -15.13 -21.44 3.54
N TYR A 415 -14.83 -22.28 2.55
CA TYR A 415 -15.83 -22.78 1.59
C TYR A 415 -16.37 -24.23 1.77
N ASP A 416 -16.18 -24.81 2.96
CA ASP A 416 -16.66 -26.18 3.21
C ASP A 416 -17.77 -26.23 4.27
N ASP A 417 -17.51 -25.60 5.42
CA ASP A 417 -18.42 -25.47 6.58
C ASP A 417 -17.65 -25.22 7.87
N GLU A 418 -18.27 -24.46 8.77
CA GLU A 418 -17.71 -24.13 10.07
C GLU A 418 -17.27 -25.40 10.79
N SER A 419 -17.86 -26.54 10.40
CA SER A 419 -17.54 -27.85 10.96
C SER A 419 -16.08 -28.26 10.71
N GLN A 420 -15.27 -27.24 10.43
CA GLN A 420 -13.84 -27.34 10.17
C GLN A 420 -13.38 -25.89 10.19
N CYS A 421 -13.48 -25.23 11.35
CA CYS A 421 -13.09 -23.84 11.43
C CYS A 421 -12.25 -23.50 12.65
N SER A 422 -12.88 -23.47 13.81
CA SER A 422 -12.19 -23.16 15.05
C SER A 422 -11.33 -24.35 15.48
N LYS A 423 -10.15 -24.46 14.86
CA LYS A 423 -9.14 -25.51 15.09
C LYS A 423 -7.89 -25.17 14.27
N THR A 424 -6.77 -25.85 14.52
CA THR A 424 -5.54 -25.58 13.77
C THR A 424 -5.00 -26.88 13.12
N ASP A 425 -5.90 -27.86 12.99
CA ASP A 425 -5.61 -29.19 12.43
C ASP A 425 -5.24 -29.25 10.95
N GLU A 426 -6.12 -28.75 10.10
CA GLU A 426 -5.92 -28.77 8.66
C GLU A 426 -6.34 -27.40 8.13
N ARG A 427 -5.42 -26.43 8.21
CA ARG A 427 -5.70 -25.07 7.79
C ARG A 427 -6.28 -24.81 6.38
N PRO A 428 -5.43 -24.66 5.32
CA PRO A 428 -6.04 -24.40 4.00
C PRO A 428 -7.03 -25.40 3.40
N ALA A 429 -7.72 -24.94 2.36
CA ALA A 429 -8.71 -25.72 1.63
C ALA A 429 -8.41 -25.87 0.14
N SER A 430 -8.57 -27.12 -0.27
CA SER A 430 -8.30 -27.65 -1.60
C SER A 430 -8.73 -27.08 -2.98
N TYR A 431 -9.38 -25.95 -3.14
CA TYR A 431 -9.79 -25.63 -4.53
C TYR A 431 -8.71 -25.42 -5.64
N PHE A 432 -8.62 -26.41 -6.55
CA PHE A 432 -7.64 -26.41 -7.67
C PHE A 432 -8.10 -25.86 -9.03
N ALA A 433 -7.11 -25.46 -9.85
CA ALA A 433 -7.33 -24.94 -11.20
C ALA A 433 -6.89 -26.00 -12.23
N VAL A 434 -7.77 -26.43 -13.13
CA VAL A 434 -7.39 -27.44 -14.10
C VAL A 434 -7.63 -27.07 -15.55
N ALA A 435 -6.83 -27.65 -16.43
CA ALA A 435 -6.93 -27.40 -17.85
C ALA A 435 -7.78 -28.51 -18.39
N VAL A 436 -9.09 -28.30 -18.37
CA VAL A 436 -10.02 -29.31 -18.86
C VAL A 436 -9.91 -29.61 -20.35
N ALA A 437 -9.41 -30.80 -20.65
CA ALA A 437 -9.24 -31.26 -22.02
C ALA A 437 -10.31 -32.31 -22.27
N ARG A 438 -10.65 -32.56 -23.53
CA ARG A 438 -11.66 -33.57 -23.82
C ARG A 438 -11.03 -34.96 -23.89
N LYS A 439 -11.86 -35.99 -23.92
CA LYS A 439 -11.35 -37.35 -23.95
C LYS A 439 -10.50 -37.68 -25.18
N ASP A 440 -11.14 -37.64 -26.34
CA ASP A 440 -10.51 -37.92 -27.62
C ASP A 440 -9.74 -36.72 -28.22
N SER A 441 -9.81 -35.58 -27.52
CA SER A 441 -9.19 -34.30 -27.92
C SER A 441 -7.75 -34.35 -28.47
N ASN A 442 -7.34 -33.23 -29.05
CA ASN A 442 -6.02 -33.02 -29.68
C ASN A 442 -5.07 -32.26 -28.77
N VAL A 443 -5.62 -31.22 -28.17
CA VAL A 443 -4.93 -30.30 -27.28
C VAL A 443 -3.96 -30.87 -26.26
N ASN A 444 -3.10 -29.99 -25.77
CA ASN A 444 -2.12 -30.27 -24.74
C ASN A 444 -1.32 -29.01 -24.48
N TRP A 445 -0.65 -28.95 -23.34
CA TRP A 445 0.14 -27.79 -22.97
C TRP A 445 1.25 -27.43 -23.95
N ASN A 446 1.63 -28.40 -24.79
CA ASN A 446 2.70 -28.23 -25.77
C ASN A 446 2.21 -27.86 -27.17
N ASN A 447 0.91 -28.04 -27.42
CA ASN A 447 0.29 -27.67 -28.70
C ASN A 447 -1.01 -26.94 -28.39
N LEU A 448 -0.96 -26.19 -27.30
CA LEU A 448 -2.07 -25.40 -26.76
C LEU A 448 -2.29 -24.08 -27.51
N LYS A 449 -1.27 -23.66 -28.26
CA LYS A 449 -1.32 -22.44 -29.03
C LYS A 449 -2.15 -22.65 -30.30
N GLY A 450 -2.91 -21.61 -30.65
CA GLY A 450 -3.74 -21.67 -31.84
C GLY A 450 -4.96 -22.55 -31.67
N LYS A 451 -5.36 -22.70 -30.41
CA LYS A 451 -6.51 -23.52 -30.03
C LYS A 451 -7.66 -22.62 -29.63
N LYS A 452 -8.88 -23.11 -29.82
CA LYS A 452 -10.07 -22.35 -29.42
C LYS A 452 -10.15 -22.56 -27.91
N SER A 453 -10.16 -21.49 -27.12
CA SER A 453 -10.21 -21.62 -25.66
C SER A 453 -11.51 -21.24 -24.97
N CYS A 454 -11.71 -21.77 -23.77
CA CYS A 454 -12.91 -21.48 -22.98
C CYS A 454 -12.55 -21.03 -21.59
N HIS A 455 -12.67 -19.72 -21.35
CA HIS A 455 -12.39 -19.19 -20.02
C HIS A 455 -13.75 -18.87 -19.41
N THR A 456 -13.80 -18.86 -18.08
CA THR A 456 -15.04 -18.49 -17.43
C THR A 456 -15.19 -17.01 -17.77
N ALA A 457 -14.38 -16.18 -17.12
CA ALA A 457 -14.42 -14.75 -17.37
C ALA A 457 -13.03 -14.21 -17.47
N VAL A 458 -12.95 -13.00 -17.98
CA VAL A 458 -11.69 -12.30 -18.16
C VAL A 458 -11.15 -11.86 -16.79
N GLY A 459 -10.95 -12.79 -15.87
CA GLY A 459 -10.44 -12.38 -14.56
C GLY A 459 -10.48 -13.30 -13.36
N ARG A 460 -11.34 -14.31 -13.37
CA ARG A 460 -11.41 -15.21 -12.22
C ARG A 460 -10.10 -15.95 -12.12
N THR A 461 -9.63 -16.10 -10.88
CA THR A 461 -8.35 -16.75 -10.63
C THR A 461 -8.17 -18.05 -11.43
N ALA A 462 -9.01 -19.03 -11.18
CA ALA A 462 -8.89 -20.29 -11.88
C ALA A 462 -9.25 -20.15 -13.35
N GLY A 463 -10.39 -19.52 -13.59
CA GLY A 463 -10.86 -19.34 -14.96
C GLY A 463 -10.09 -18.35 -15.82
N TRP A 464 -9.04 -17.72 -15.29
CA TRP A 464 -8.29 -16.75 -16.09
C TRP A 464 -6.92 -16.35 -15.56
N VAL A 465 -6.89 -15.78 -14.37
CA VAL A 465 -5.63 -15.31 -13.81
C VAL A 465 -4.48 -16.29 -13.93
N ILE A 466 -4.74 -17.56 -13.61
CA ILE A 466 -3.69 -18.56 -13.67
C ILE A 466 -3.28 -18.97 -15.07
N PRO A 467 -4.25 -19.31 -15.95
CA PRO A 467 -3.90 -19.71 -17.31
C PRO A 467 -2.92 -18.70 -17.86
N MET A 468 -3.40 -17.47 -17.98
CA MET A 468 -2.60 -16.36 -18.46
C MET A 468 -1.29 -16.22 -17.69
N GLY A 469 -1.33 -16.61 -16.41
CA GLY A 469 -0.15 -16.54 -15.57
C GLY A 469 0.90 -17.49 -16.06
N LEU A 470 0.56 -18.77 -16.13
CA LEU A 470 1.52 -19.76 -16.62
C LEU A 470 1.92 -19.32 -18.01
N ILE A 471 0.89 -19.05 -18.82
CA ILE A 471 1.01 -18.62 -20.21
C ILE A 471 2.05 -17.52 -20.36
N HIS A 472 2.01 -16.54 -19.45
CA HIS A 472 2.95 -15.44 -19.50
C HIS A 472 4.38 -15.93 -19.59
N ASN A 473 4.76 -16.89 -18.75
CA ASN A 473 6.13 -17.38 -18.79
C ASN A 473 6.52 -18.14 -20.05
N ARG A 474 5.74 -17.91 -21.12
CA ARG A 474 5.96 -18.52 -22.43
C ARG A 474 5.06 -17.78 -23.45
N THR A 475 5.02 -16.44 -23.37
CA THR A 475 4.18 -15.62 -24.27
C THR A 475 4.82 -14.41 -24.98
N GLY A 476 6.07 -14.09 -24.66
CA GLY A 476 6.71 -12.93 -25.29
C GLY A 476 6.29 -11.67 -24.56
N THR A 477 4.99 -11.40 -24.59
CA THR A 477 4.35 -10.27 -23.94
C THR A 477 2.91 -10.71 -23.68
N CYS A 478 2.21 -9.98 -22.80
CA CYS A 478 0.82 -10.28 -22.40
C CYS A 478 -0.27 -10.05 -23.47
N ASN A 479 0.01 -10.57 -24.67
CA ASN A 479 -0.90 -10.54 -25.80
C ASN A 479 -1.69 -11.81 -25.62
N PHE A 480 -2.55 -11.80 -24.61
CA PHE A 480 -3.37 -12.93 -24.30
C PHE A 480 -4.45 -13.03 -25.37
N ASP A 481 -4.88 -11.88 -25.89
CA ASP A 481 -5.86 -11.86 -26.98
C ASP A 481 -5.01 -11.88 -28.26
N GLU A 482 -4.21 -12.94 -28.40
CA GLU A 482 -3.31 -13.16 -29.53
C GLU A 482 -2.58 -14.49 -29.33
N TYR A 483 -3.28 -15.48 -28.75
CA TYR A 483 -2.71 -16.81 -28.49
C TYR A 483 -3.56 -17.93 -29.11
N PHE A 484 -4.74 -18.12 -28.51
CA PHE A 484 -5.68 -19.11 -28.95
C PHE A 484 -6.28 -18.59 -30.26
N SER A 485 -6.70 -19.48 -31.16
CA SER A 485 -7.27 -19.02 -32.42
C SER A 485 -8.37 -18.03 -32.06
N GLU A 486 -9.07 -18.36 -30.98
CA GLU A 486 -10.16 -17.55 -30.47
C GLU A 486 -10.68 -18.13 -29.15
N GLY A 487 -11.93 -17.81 -28.84
CA GLY A 487 -12.57 -18.28 -27.64
C GLY A 487 -13.56 -17.30 -27.04
N CYS A 488 -14.05 -17.63 -25.85
CA CYS A 488 -14.99 -16.80 -25.10
C CYS A 488 -14.42 -16.57 -23.70
N ALA A 489 -14.51 -15.34 -23.23
CA ALA A 489 -14.00 -14.97 -21.91
C ALA A 489 -14.73 -13.74 -21.38
N PRO A 490 -16.08 -13.83 -21.32
CA PRO A 490 -17.03 -12.82 -20.86
C PRO A 490 -16.44 -11.69 -20.04
N GLY A 491 -16.17 -10.57 -20.72
CA GLY A 491 -15.59 -9.40 -20.07
C GLY A 491 -14.46 -8.86 -20.91
N SER A 492 -14.02 -9.67 -21.87
CA SER A 492 -12.98 -9.25 -22.78
C SER A 492 -13.66 -8.29 -23.78
N PRO A 493 -12.86 -7.49 -24.53
CA PRO A 493 -13.34 -6.51 -25.52
C PRO A 493 -14.56 -6.93 -26.34
N PRO A 494 -15.25 -5.96 -26.96
CA PRO A 494 -16.46 -6.17 -27.77
C PRO A 494 -16.32 -7.11 -28.97
N ASN A 495 -15.65 -6.64 -30.02
CA ASN A 495 -15.43 -7.43 -31.24
C ASN A 495 -14.00 -8.00 -31.25
N SER A 496 -13.63 -8.60 -30.11
CA SER A 496 -12.31 -9.18 -29.92
C SER A 496 -12.25 -10.63 -30.39
N ARG A 497 -11.05 -11.19 -30.38
CA ARG A 497 -10.88 -12.58 -30.77
C ARG A 497 -11.20 -13.43 -29.54
N LEU A 498 -11.08 -12.82 -28.36
CA LEU A 498 -11.34 -13.55 -27.12
C LEU A 498 -12.82 -13.75 -26.79
N CYS A 499 -13.68 -13.09 -27.54
CA CYS A 499 -15.11 -13.24 -27.29
C CYS A 499 -15.74 -14.06 -28.40
N GLN A 500 -14.94 -14.40 -29.42
CA GLN A 500 -15.45 -15.13 -30.55
C GLN A 500 -16.29 -16.35 -30.19
N LEU A 501 -15.90 -17.10 -29.17
CA LEU A 501 -16.71 -18.26 -28.82
C LEU A 501 -18.01 -17.90 -28.15
N CYS A 502 -18.07 -16.74 -27.48
CA CYS A 502 -19.27 -16.32 -26.76
C CYS A 502 -20.57 -16.38 -27.54
N GLN A 503 -21.45 -17.29 -27.12
CA GLN A 503 -22.76 -17.46 -27.75
C GLN A 503 -23.70 -16.38 -27.25
N GLY A 504 -23.11 -15.40 -26.56
CA GLY A 504 -23.81 -14.27 -26.01
C GLY A 504 -25.26 -14.41 -25.61
N SER A 505 -26.05 -13.38 -25.92
CA SER A 505 -27.48 -13.29 -25.59
C SER A 505 -28.32 -14.55 -25.73
N GLY A 506 -29.21 -14.74 -24.75
CA GLY A 506 -30.11 -15.88 -24.76
C GLY A 506 -31.15 -15.63 -25.84
N GLY A 507 -31.29 -14.37 -26.23
CA GLY A 507 -32.23 -14.01 -27.26
C GLY A 507 -32.22 -12.55 -27.67
N ILE A 508 -32.92 -11.74 -26.88
CA ILE A 508 -33.10 -10.30 -27.09
C ILE A 508 -31.85 -9.44 -27.45
N PRO A 509 -31.44 -8.47 -26.59
CA PRO A 509 -30.24 -7.72 -27.05
C PRO A 509 -29.00 -8.59 -27.18
N PRO A 510 -28.35 -8.57 -28.35
CA PRO A 510 -27.14 -9.37 -28.58
C PRO A 510 -25.97 -9.11 -27.60
N GLU A 511 -26.21 -9.39 -26.32
CA GLU A 511 -25.20 -9.22 -25.29
C GLU A 511 -24.18 -10.35 -25.46
N LYS A 512 -23.19 -10.13 -26.31
CA LYS A 512 -22.16 -11.14 -26.51
C LYS A 512 -20.96 -10.79 -25.66
N CYS A 513 -20.19 -11.80 -25.26
CA CYS A 513 -18.98 -11.60 -24.46
C CYS A 513 -19.24 -10.84 -23.16
N VAL A 514 -20.43 -11.00 -22.59
CA VAL A 514 -20.76 -10.30 -21.36
C VAL A 514 -20.52 -11.15 -20.12
N ALA A 515 -19.92 -10.53 -19.11
CA ALA A 515 -19.65 -11.19 -17.82
C ALA A 515 -20.92 -10.97 -16.99
N SER A 516 -22.05 -10.97 -17.70
CA SER A 516 -23.37 -10.75 -17.12
C SER A 516 -24.24 -11.98 -17.09
N SER A 517 -25.32 -11.85 -16.33
CA SER A 517 -26.34 -12.86 -16.17
C SER A 517 -26.80 -13.23 -17.57
N HIS A 518 -26.94 -12.19 -18.37
CA HIS A 518 -27.36 -12.27 -19.74
C HIS A 518 -26.45 -13.09 -20.67
N GLU A 519 -25.34 -13.63 -20.15
CA GLU A 519 -24.44 -14.47 -20.97
C GLU A 519 -24.78 -15.95 -20.80
N LYS A 520 -24.40 -16.77 -21.79
CA LYS A 520 -24.66 -18.19 -21.74
C LYS A 520 -23.42 -18.97 -21.38
N TYR A 521 -22.28 -18.44 -21.77
CA TYR A 521 -21.00 -19.07 -21.47
C TYR A 521 -20.33 -18.38 -20.28
N PHE A 522 -21.16 -17.96 -19.32
CA PHE A 522 -20.70 -17.28 -18.11
C PHE A 522 -20.58 -18.26 -16.93
N GLY A 523 -19.49 -18.15 -16.19
CA GLY A 523 -19.26 -19.04 -15.09
C GLY A 523 -18.48 -20.26 -15.54
N TYR A 524 -18.20 -21.14 -14.59
CA TYR A 524 -17.44 -22.36 -14.81
C TYR A 524 -18.12 -23.37 -15.75
N THR A 525 -19.36 -23.69 -15.42
CA THR A 525 -20.15 -24.62 -16.20
C THR A 525 -20.39 -24.03 -17.57
N GLY A 526 -20.54 -22.70 -17.64
CA GLY A 526 -20.75 -22.04 -18.91
C GLY A 526 -19.57 -22.34 -19.79
N ALA A 527 -18.39 -22.00 -19.27
CA ALA A 527 -17.13 -22.22 -19.99
C ALA A 527 -16.90 -23.69 -20.28
N LEU A 528 -17.48 -24.56 -19.46
CA LEU A 528 -17.37 -26.00 -19.68
C LEU A 528 -18.25 -26.31 -20.87
N ARG A 529 -19.44 -25.74 -20.90
CA ARG A 529 -20.36 -25.98 -21.99
C ARG A 529 -19.58 -25.67 -23.23
N CYS A 530 -18.87 -24.57 -23.16
CA CYS A 530 -18.02 -24.07 -24.23
C CYS A 530 -17.14 -25.13 -24.81
N LEU A 531 -16.46 -25.87 -23.94
CA LEU A 531 -15.56 -26.93 -24.34
C LEU A 531 -16.33 -27.99 -25.09
N VAL A 532 -17.52 -28.29 -24.57
CA VAL A 532 -18.41 -29.31 -25.13
C VAL A 532 -18.92 -28.95 -26.51
N GLU A 533 -19.40 -27.72 -26.66
CA GLU A 533 -19.98 -27.25 -27.91
C GLU A 533 -19.00 -26.70 -28.94
N LYS A 534 -18.02 -25.93 -28.48
CA LYS A 534 -17.06 -25.31 -29.41
C LYS A 534 -15.57 -25.53 -29.10
N GLY A 535 -15.11 -24.92 -28.01
CA GLY A 535 -13.73 -24.99 -27.59
C GLY A 535 -13.00 -26.32 -27.60
N ASP A 536 -11.67 -26.20 -27.61
CA ASP A 536 -10.80 -27.35 -27.60
C ASP A 536 -10.24 -27.54 -26.19
N VAL A 537 -10.51 -26.55 -25.32
CA VAL A 537 -10.08 -26.56 -23.91
C VAL A 537 -10.84 -25.54 -23.04
N ALA A 538 -11.02 -25.87 -21.76
CA ALA A 538 -11.71 -24.98 -20.82
C ALA A 538 -10.99 -24.89 -19.47
N PHE A 539 -10.81 -23.66 -18.99
CA PHE A 539 -10.12 -23.38 -17.74
C PHE A 539 -11.06 -23.26 -16.54
N ILE A 540 -11.15 -24.33 -15.75
CA ILE A 540 -12.05 -24.35 -14.59
C ILE A 540 -11.58 -25.14 -13.36
N GLN A 541 -12.38 -25.14 -12.29
CA GLN A 541 -12.09 -25.81 -11.00
C GLN A 541 -11.84 -27.30 -11.11
N HIS A 542 -11.26 -27.87 -10.05
CA HIS A 542 -10.98 -29.30 -10.00
C HIS A 542 -12.26 -30.09 -10.19
N SER A 543 -13.23 -29.85 -9.31
CA SER A 543 -14.48 -30.57 -9.32
C SER A 543 -15.56 -29.90 -10.15
N THR A 544 -15.18 -29.18 -11.20
CA THR A 544 -16.15 -28.49 -12.04
C THR A 544 -16.90 -29.51 -12.90
N VAL A 545 -16.23 -30.61 -13.19
CA VAL A 545 -16.79 -31.68 -14.01
C VAL A 545 -17.86 -32.44 -13.24
N GLU A 546 -17.48 -32.94 -12.07
CA GLU A 546 -18.36 -33.71 -11.18
C GLU A 546 -19.71 -33.03 -10.96
N GLU A 547 -19.64 -31.71 -10.79
CA GLU A 547 -20.80 -30.87 -10.54
C GLU A 547 -21.95 -31.08 -11.53
N ASN A 548 -21.60 -31.41 -12.77
CA ASN A 548 -22.58 -31.62 -13.81
C ASN A 548 -22.62 -33.08 -14.20
N THR A 549 -21.45 -33.68 -14.32
CA THR A 549 -21.36 -35.08 -14.71
C THR A 549 -21.97 -35.99 -13.65
N GLY A 550 -22.34 -37.19 -14.10
CA GLY A 550 -22.97 -38.17 -13.23
C GLY A 550 -24.47 -38.10 -13.35
N GLY A 551 -24.95 -37.25 -14.26
CA GLY A 551 -26.38 -37.07 -14.43
C GLY A 551 -26.86 -35.95 -13.52
N LYS A 552 -25.90 -35.20 -12.98
CA LYS A 552 -26.15 -34.08 -12.06
C LYS A 552 -26.74 -32.87 -12.77
N ASN A 553 -25.99 -32.23 -13.65
CA ASN A 553 -26.56 -31.09 -14.37
C ASN A 553 -27.54 -31.68 -15.36
N LYS A 554 -28.82 -31.52 -15.05
CA LYS A 554 -29.88 -32.01 -15.91
C LYS A 554 -30.26 -30.90 -16.90
N ALA A 555 -29.40 -30.67 -17.89
CA ALA A 555 -29.65 -29.66 -18.93
C ALA A 555 -29.86 -30.27 -20.33
N ASP A 556 -29.96 -29.41 -21.33
CA ASP A 556 -30.16 -29.85 -22.70
C ASP A 556 -28.89 -30.46 -23.27
N TRP A 557 -27.77 -30.22 -22.61
CA TRP A 557 -26.48 -30.73 -23.04
C TRP A 557 -25.89 -31.74 -22.06
N ALA A 558 -25.75 -31.34 -20.80
CA ALA A 558 -25.17 -32.19 -19.77
C ALA A 558 -25.88 -33.51 -19.46
N LYS A 559 -27.20 -33.53 -19.57
CA LYS A 559 -28.03 -34.70 -19.30
C LYS A 559 -27.26 -36.01 -19.29
N ASN A 560 -26.73 -36.38 -20.46
CA ASN A 560 -25.97 -37.61 -20.69
C ASN A 560 -24.57 -37.62 -20.07
N LEU A 561 -23.70 -36.76 -20.59
CA LEU A 561 -22.29 -36.58 -20.17
C LEU A 561 -21.69 -37.30 -18.97
N GLN A 562 -20.57 -37.98 -19.22
CA GLN A 562 -19.83 -38.68 -18.17
C GLN A 562 -18.43 -38.06 -18.18
N MET A 563 -17.83 -37.84 -17.01
CA MET A 563 -16.50 -37.26 -16.95
C MET A 563 -15.52 -38.17 -17.65
N ASP A 564 -16.07 -39.28 -18.13
CA ASP A 564 -15.31 -40.29 -18.85
C ASP A 564 -15.20 -39.75 -20.26
N ASP A 565 -15.28 -38.43 -20.38
CA ASP A 565 -15.20 -37.76 -21.67
C ASP A 565 -14.29 -36.56 -21.51
N PHE A 566 -13.92 -36.28 -20.27
CA PHE A 566 -13.05 -35.16 -19.98
C PHE A 566 -11.75 -35.63 -19.40
N GLU A 567 -10.68 -34.87 -19.66
CA GLU A 567 -9.37 -35.21 -19.14
C GLU A 567 -8.61 -33.98 -18.69
N LEU A 568 -7.73 -34.17 -17.72
CA LEU A 568 -6.92 -33.07 -17.21
C LEU A 568 -5.73 -32.90 -18.13
N LEU A 569 -5.34 -31.65 -18.32
CA LEU A 569 -4.23 -31.35 -19.16
C LEU A 569 -3.11 -30.78 -18.31
N CYS A 570 -2.06 -31.58 -18.13
CA CYS A 570 -0.92 -31.17 -17.32
C CYS A 570 0.13 -30.37 -18.11
N THR A 571 0.64 -29.35 -17.43
CA THR A 571 1.63 -28.43 -17.97
C THR A 571 2.85 -29.08 -18.59
N ASP A 572 2.95 -30.41 -18.47
CA ASP A 572 4.08 -31.13 -19.06
C ASP A 572 3.66 -32.06 -20.16
N GLY A 573 2.40 -31.93 -20.60
CA GLY A 573 1.89 -32.75 -21.67
C GLY A 573 0.96 -33.81 -21.14
N ARG A 574 1.41 -34.48 -20.08
CA ARG A 574 0.64 -35.55 -19.42
C ARG A 574 -0.86 -35.32 -19.43
N ARG A 575 -1.60 -36.20 -20.11
CA ARG A 575 -3.05 -36.08 -20.15
C ARG A 575 -3.56 -36.86 -18.93
N ALA A 576 -3.53 -36.17 -17.79
CA ALA A 576 -3.97 -36.76 -16.53
C ALA A 576 -5.45 -37.03 -16.48
N ASN A 577 -5.77 -38.06 -15.71
CA ASN A 577 -7.14 -38.50 -15.52
C ASN A 577 -7.86 -37.57 -14.56
N VAL A 578 -9.02 -37.08 -14.99
CA VAL A 578 -9.87 -36.16 -14.23
C VAL A 578 -9.75 -36.27 -12.70
N MET A 579 -9.92 -37.48 -12.19
CA MET A 579 -9.87 -37.76 -10.76
C MET A 579 -8.55 -37.46 -10.04
N ASP A 580 -7.57 -36.90 -10.74
CA ASP A 580 -6.28 -36.61 -10.13
C ASP A 580 -5.97 -35.13 -10.05
N TYR A 581 -6.98 -34.37 -9.62
CA TYR A 581 -6.87 -32.93 -9.48
C TYR A 581 -5.55 -32.49 -8.85
N ARG A 582 -5.05 -33.32 -7.95
CA ARG A 582 -3.82 -33.05 -7.23
C ARG A 582 -2.58 -33.14 -8.11
N GLU A 583 -2.48 -34.23 -8.87
CA GLU A 583 -1.33 -34.48 -9.73
C GLU A 583 -1.45 -34.00 -11.16
N CYS A 584 -2.16 -32.90 -11.36
CA CYS A 584 -2.35 -32.31 -12.69
C CYS A 584 -3.29 -31.12 -12.60
N ASN A 585 -2.96 -30.19 -11.72
CA ASN A 585 -3.76 -28.98 -11.57
C ASN A 585 -2.87 -27.86 -12.04
N LEU A 586 -3.48 -26.76 -12.46
CA LEU A 586 -2.76 -25.59 -12.94
C LEU A 586 -2.26 -24.76 -11.77
N ALA A 587 -3.10 -24.62 -10.74
CA ALA A 587 -2.77 -23.86 -9.54
C ALA A 587 -3.67 -24.20 -8.38
N GLU A 588 -3.09 -24.17 -7.18
CA GLU A 588 -3.82 -24.43 -5.95
C GLU A 588 -4.33 -23.05 -5.55
N VAL A 589 -5.58 -22.75 -5.91
CA VAL A 589 -6.15 -21.45 -5.62
C VAL A 589 -6.71 -21.28 -4.23
N PRO A 590 -6.22 -20.24 -3.53
CA PRO A 590 -6.60 -19.85 -2.16
C PRO A 590 -8.02 -19.34 -2.10
N THR A 591 -8.53 -19.16 -0.89
CA THR A 591 -9.85 -18.62 -0.70
C THR A 591 -9.62 -17.12 -0.55
N HIS A 592 -10.70 -16.33 -0.54
CA HIS A 592 -10.57 -14.89 -0.39
C HIS A 592 -9.83 -14.54 0.90
N ALA A 593 -9.86 -13.26 1.29
CA ALA A 593 -9.18 -12.83 2.51
C ALA A 593 -9.43 -11.38 2.87
N VAL A 594 -9.39 -11.10 4.18
CA VAL A 594 -9.56 -9.74 4.68
C VAL A 594 -8.16 -9.19 4.83
N VAL A 595 -7.72 -8.48 3.81
CA VAL A 595 -6.40 -7.92 3.83
C VAL A 595 -6.48 -6.56 4.51
N VAL A 596 -5.57 -6.33 5.45
CA VAL A 596 -5.60 -5.09 6.22
C VAL A 596 -4.21 -4.58 6.58
N ARG A 597 -4.13 -3.68 7.56
CA ARG A 597 -2.85 -3.10 7.99
C ARG A 597 -2.16 -3.73 9.21
N PRO A 598 -0.81 -3.74 9.19
CA PRO A 598 0.02 -4.31 10.26
C PRO A 598 -0.21 -3.78 11.70
N GLU A 599 -1.01 -2.72 11.87
CA GLU A 599 -1.28 -2.19 13.20
C GLU A 599 -2.66 -2.46 13.83
N LYS A 600 -3.66 -2.79 13.02
CA LYS A 600 -5.02 -3.10 13.54
C LYS A 600 -5.38 -4.59 13.49
N ALA A 601 -4.41 -5.43 13.14
CA ALA A 601 -4.59 -6.88 12.97
C ALA A 601 -5.39 -7.63 14.04
N ASN A 602 -4.67 -8.34 14.93
CA ASN A 602 -5.28 -9.18 16.00
C ASN A 602 -6.57 -8.70 16.64
N LYS A 603 -6.78 -7.37 16.60
CA LYS A 603 -7.96 -6.70 17.15
C LYS A 603 -9.05 -6.48 16.09
N ILE A 604 -8.67 -6.54 14.81
CA ILE A 604 -9.62 -6.39 13.71
C ILE A 604 -10.30 -7.75 13.57
N ARG A 605 -9.51 -8.80 13.81
CA ARG A 605 -10.00 -10.16 13.76
C ARG A 605 -11.06 -10.24 14.81
N ASP A 606 -10.77 -9.63 15.96
CA ASP A 606 -11.70 -9.57 17.07
C ASP A 606 -13.02 -9.03 16.57
N LEU A 607 -12.99 -7.82 16.02
CA LEU A 607 -14.19 -7.18 15.52
C LEU A 607 -15.02 -8.10 14.66
N LEU A 608 -14.33 -8.87 13.82
CA LEU A 608 -15.02 -9.79 12.94
C LEU A 608 -15.47 -11.00 13.71
N GLU A 609 -14.79 -11.27 14.82
CA GLU A 609 -15.11 -12.40 15.69
C GLU A 609 -16.36 -12.02 16.50
N ARG A 610 -16.46 -10.75 16.90
CA ARG A 610 -17.61 -10.28 17.67
C ARG A 610 -18.79 -10.42 16.74
N GLN A 611 -18.74 -9.72 15.61
CA GLN A 611 -19.84 -9.81 14.66
C GLN A 611 -19.96 -11.17 13.98
N GLU A 612 -18.87 -11.94 13.98
CA GLU A 612 -18.85 -13.26 13.34
C GLU A 612 -20.14 -14.00 13.61
N LYS A 613 -20.30 -14.50 14.83
CA LYS A 613 -21.51 -15.25 15.17
C LYS A 613 -22.70 -14.35 15.34
N ARG A 614 -22.45 -13.06 15.59
CA ARG A 614 -23.55 -12.13 15.76
C ARG A 614 -24.35 -12.06 14.47
N PHE A 615 -23.64 -12.08 13.34
CA PHE A 615 -24.28 -12.06 12.04
C PHE A 615 -23.69 -13.07 11.08
N GLY A 616 -23.30 -14.20 11.65
CA GLY A 616 -22.70 -15.27 10.89
C GLY A 616 -23.67 -16.37 10.48
N VAL A 617 -23.13 -17.36 9.77
CA VAL A 617 -23.89 -18.50 9.27
C VAL A 617 -24.69 -19.24 10.35
N ASN A 618 -23.99 -19.89 11.28
CA ASN A 618 -24.65 -20.61 12.38
C ASN A 618 -24.98 -19.61 13.47
N GLY A 619 -24.91 -18.33 13.08
CA GLY A 619 -25.18 -17.20 13.95
C GLY A 619 -26.57 -17.15 14.55
N SER A 620 -26.70 -16.37 15.62
CA SER A 620 -27.95 -16.25 16.35
C SER A 620 -29.03 -15.41 15.68
N GLU A 621 -28.75 -14.13 15.45
CA GLU A 621 -29.71 -13.18 14.86
C GLU A 621 -29.96 -13.36 13.37
N LYS A 622 -30.00 -14.61 12.91
CA LYS A 622 -30.24 -14.95 11.50
C LYS A 622 -31.59 -14.46 11.02
N SER A 623 -32.42 -14.07 11.98
CA SER A 623 -33.74 -13.58 11.69
C SER A 623 -33.69 -12.08 11.45
N LYS A 624 -32.51 -11.49 11.62
CA LYS A 624 -32.33 -10.04 11.38
C LYS A 624 -31.56 -9.82 10.08
N PHE A 625 -30.44 -10.55 9.94
CA PHE A 625 -29.58 -10.44 8.78
C PHE A 625 -28.46 -11.46 8.86
N MET A 626 -27.40 -11.23 8.09
CA MET A 626 -26.25 -12.12 8.07
C MET A 626 -24.95 -11.37 7.72
N MET A 627 -24.17 -11.92 6.80
CA MET A 627 -22.90 -11.31 6.39
C MET A 627 -22.47 -11.69 4.99
N PHE A 628 -22.53 -12.97 4.70
CA PHE A 628 -22.15 -13.47 3.39
C PHE A 628 -23.26 -13.30 2.38
N GLU A 629 -24.50 -13.38 2.86
CA GLU A 629 -25.65 -13.23 1.99
C GLU A 629 -25.80 -11.76 1.60
N SER A 630 -26.29 -11.53 0.39
CA SER A 630 -26.51 -10.20 -0.14
C SER A 630 -27.21 -10.35 -1.47
N GLN A 631 -28.54 -10.30 -1.42
CA GLN A 631 -29.40 -10.45 -2.60
C GLN A 631 -29.10 -11.77 -3.33
N ASN A 632 -28.27 -12.62 -2.72
CA ASN A 632 -27.84 -13.91 -3.27
C ASN A 632 -26.76 -13.71 -4.35
N LYS A 633 -25.81 -12.82 -4.05
CA LYS A 633 -24.68 -12.51 -4.92
C LYS A 633 -23.50 -12.04 -4.09
N ASP A 634 -22.32 -12.49 -4.49
CA ASP A 634 -21.08 -12.15 -3.80
C ASP A 634 -20.86 -10.64 -3.64
N LEU A 635 -21.13 -10.13 -2.43
CA LEU A 635 -20.91 -8.71 -2.17
C LEU A 635 -19.87 -8.57 -1.08
N LEU A 636 -18.64 -8.25 -1.51
CA LEU A 636 -17.48 -8.10 -0.64
C LEU A 636 -17.12 -9.48 -0.14
N PHE A 637 -18.11 -10.12 0.47
CA PHE A 637 -18.02 -11.46 1.01
C PHE A 637 -18.79 -12.39 0.08
N LYS A 638 -18.06 -13.34 -0.48
CA LYS A 638 -18.66 -14.34 -1.36
C LYS A 638 -19.78 -15.00 -0.54
N ASP A 639 -20.78 -15.56 -1.22
CA ASP A 639 -21.90 -16.20 -0.54
C ASP A 639 -21.61 -17.63 -0.06
N LEU A 640 -20.59 -18.25 -0.66
CA LEU A 640 -20.19 -19.61 -0.31
C LEU A 640 -19.14 -19.56 0.78
N THR A 641 -19.52 -18.91 1.88
CA THR A 641 -18.64 -18.76 3.04
C THR A 641 -19.38 -19.11 4.35
N LYS A 642 -18.74 -19.96 5.16
CA LYS A 642 -19.28 -20.44 6.43
C LYS A 642 -18.39 -20.01 7.59
N CYS A 643 -17.11 -20.37 7.51
CA CYS A 643 -16.17 -19.97 8.54
C CYS A 643 -15.43 -18.77 7.99
N LEU A 644 -14.73 -18.06 8.86
CA LEU A 644 -13.96 -16.89 8.45
C LEU A 644 -12.94 -16.66 9.54
N PHE A 645 -12.60 -17.75 10.22
CA PHE A 645 -11.66 -17.76 11.33
C PHE A 645 -10.44 -16.84 11.31
N LYS A 646 -9.86 -16.65 12.49
CA LYS A 646 -8.64 -15.86 12.66
C LYS A 646 -7.57 -16.81 12.14
N VAL A 647 -6.83 -16.37 11.14
CA VAL A 647 -5.78 -17.19 10.56
C VAL A 647 -4.55 -17.28 11.46
N ARG A 648 -3.44 -17.73 10.89
CA ARG A 648 -2.17 -17.87 11.59
C ARG A 648 -1.54 -16.51 11.80
N GLU A 649 -1.09 -16.24 13.02
CA GLU A 649 -0.47 -14.94 13.33
C GLU A 649 0.97 -14.87 12.85
N GLY A 650 1.33 -13.71 12.29
CA GLY A 650 2.69 -13.52 11.80
C GLY A 650 3.01 -14.36 10.58
N THR A 651 2.35 -14.04 9.48
CA THR A 651 2.49 -14.73 8.19
C THR A 651 2.74 -13.62 7.15
N THR A 652 2.71 -13.98 5.87
CA THR A 652 2.86 -13.01 4.81
C THR A 652 2.05 -13.41 3.59
N TYR A 653 1.73 -12.43 2.75
CA TYR A 653 0.96 -12.70 1.56
C TYR A 653 1.69 -13.69 0.67
N LYS A 654 3.02 -13.62 0.68
CA LYS A 654 3.87 -14.50 -0.12
C LYS A 654 3.68 -15.91 0.42
N GLU A 655 3.50 -15.99 1.74
CA GLU A 655 3.28 -17.25 2.44
C GLU A 655 1.85 -17.67 2.26
N PHE A 656 0.96 -16.70 2.36
CA PHE A 656 -0.46 -16.91 2.20
C PHE A 656 -0.82 -17.46 0.81
N LEU A 657 0.00 -17.11 -0.17
CA LEU A 657 -0.23 -17.51 -1.56
C LEU A 657 0.45 -18.78 -1.99
N GLY A 658 1.73 -18.93 -1.64
CA GLY A 658 2.45 -20.12 -2.05
C GLY A 658 3.34 -19.75 -3.23
N ASP A 659 4.58 -20.23 -3.22
CA ASP A 659 5.52 -19.88 -4.27
C ASP A 659 4.91 -20.09 -5.63
N LYS A 660 4.47 -21.32 -5.90
CA LYS A 660 3.85 -21.67 -7.20
C LYS A 660 2.71 -20.75 -7.52
N PHE A 661 2.37 -19.91 -6.57
CA PHE A 661 1.30 -18.97 -6.78
C PHE A 661 1.87 -17.58 -6.86
N TYR A 662 2.59 -17.17 -5.84
CA TYR A 662 3.22 -15.86 -5.85
C TYR A 662 4.07 -15.72 -7.12
N THR A 663 4.97 -16.68 -7.31
CA THR A 663 5.90 -16.76 -8.45
C THR A 663 5.28 -16.30 -9.76
N VAL A 664 4.19 -16.96 -10.11
CA VAL A 664 3.45 -16.71 -11.34
C VAL A 664 2.56 -15.46 -11.31
N ILE A 665 2.00 -15.14 -10.16
CA ILE A 665 1.15 -13.95 -10.06
C ILE A 665 2.05 -12.74 -10.12
N SER A 666 3.21 -12.82 -9.46
CA SER A 666 4.14 -11.71 -9.49
C SER A 666 4.56 -11.55 -10.95
N SER A 667 5.16 -12.60 -11.49
CA SER A 667 5.59 -12.58 -12.88
C SER A 667 4.46 -12.96 -13.81
N LEU A 668 3.63 -11.96 -14.06
CA LEU A 668 2.48 -12.01 -14.92
C LEU A 668 2.18 -10.54 -14.99
N LYS A 669 1.94 -9.96 -13.82
CA LYS A 669 1.66 -8.55 -13.75
C LYS A 669 2.95 -7.78 -14.05
N THR A 670 4.08 -8.49 -14.15
CA THR A 670 5.36 -7.86 -14.49
C THR A 670 5.20 -7.43 -15.94
N CYS A 671 4.63 -8.35 -16.70
CA CYS A 671 4.36 -8.19 -18.12
C CYS A 671 3.52 -6.90 -18.40
N ASN A 672 2.84 -6.38 -17.38
CA ASN A 672 2.05 -5.15 -17.52
C ASN A 672 1.74 -4.55 -16.15
N PRO A 673 2.67 -3.72 -15.62
CA PRO A 673 2.55 -3.05 -14.32
C PRO A 673 1.38 -2.09 -14.27
N SER A 674 1.20 -1.42 -13.14
CA SER A 674 0.12 -0.46 -12.98
C SER A 674 0.35 0.49 -11.83
N ASP A 675 -0.32 1.63 -11.89
CA ASP A 675 -0.25 2.69 -10.87
C ASP A 675 0.01 2.22 -9.43
N ILE A 676 -1.07 1.88 -8.73
CA ILE A 676 -1.03 1.39 -7.35
C ILE A 676 0.10 0.38 -7.18
N LEU A 677 0.12 -0.60 -8.08
CA LEU A 677 1.11 -1.64 -8.07
C LEU A 677 2.50 -1.06 -8.31
N GLN A 678 2.57 0.10 -8.96
CA GLN A 678 3.85 0.73 -9.26
C GLN A 678 4.36 1.61 -8.13
N MET A 679 3.43 2.32 -7.52
CA MET A 679 3.73 3.20 -6.41
C MET A 679 4.20 2.37 -5.22
N CYS A 680 3.33 1.47 -4.74
CA CYS A 680 3.70 0.62 -3.62
C CYS A 680 5.10 0.01 -3.84
N SER A 681 5.36 -0.41 -5.08
CA SER A 681 6.62 -1.04 -5.49
C SER A 681 7.89 -0.21 -5.43
N PHE A 682 7.78 1.05 -5.79
CA PHE A 682 8.95 1.89 -5.76
C PHE A 682 9.22 2.28 -4.30
N LEU A 683 8.18 2.17 -3.48
CA LEU A 683 8.28 2.48 -2.06
C LEU A 683 8.93 1.32 -1.31
N GLU A 684 8.89 0.15 -1.94
CA GLU A 684 9.49 -1.06 -1.39
C GLU A 684 11.01 -0.83 -1.43
N GLY A 685 11.49 -0.27 -2.53
CA GLY A 685 12.92 0.02 -2.69
C GLY A 685 13.23 1.47 -2.36
N LYS A 686 12.98 1.85 -1.09
CA LYS A 686 13.17 3.20 -0.55
C LYS A 686 14.65 3.54 -0.30
C1 NAG B . 7.40 -18.22 -14.30
C2 NAG B . 8.14 -19.53 -14.07
C3 NAG B . 9.43 -19.32 -13.26
C4 NAG B . 9.92 -17.89 -13.40
C5 NAG B . 8.86 -16.88 -12.92
C6 NAG B . 8.97 -15.52 -13.58
C7 NAG B . 7.59 -21.78 -13.43
C8 NAG B . 6.69 -22.74 -12.63
N2 NAG B . 7.30 -20.48 -13.36
O3 NAG B . 10.44 -20.21 -13.71
O4 NAG B . 11.15 -17.75 -12.64
O5 NAG B . 7.51 -17.36 -13.15
O6 NAG B . 9.15 -15.62 -14.98
O7 NAG B . 8.51 -22.24 -14.14
C1 NDG B . 11.07 -17.09 -11.41
C2 NDG B . 12.43 -17.10 -10.68
C3 NDG B . 12.33 -17.96 -9.41
C4 NDG B . 11.28 -17.33 -8.50
C5 NDG B . 9.97 -17.12 -9.29
C6 NDG B . 9.66 -15.63 -9.50
C7 NDG B . 14.75 -17.12 -11.32
C8 NDG B . 15.82 -17.59 -12.29
O5 NDG B . 10.08 -17.73 -10.60
O3 NDG B . 13.58 -17.98 -8.73
O4 NDG B . 11.06 -18.17 -7.37
O6 NDG B . 8.40 -15.43 -10.13
O7 NDG B . 15.09 -16.44 -10.32
N2 NDG B . 13.51 -17.53 -11.54
#